data_4GQC
#
_entry.id   4GQC
#
_cell.length_a   132.388
_cell.length_b   132.388
_cell.length_c   106.536
_cell.angle_alpha   90.000
_cell.angle_beta   90.000
_cell.angle_gamma   90.000
#
_symmetry.space_group_name_H-M   'P 41 2 2'
#
loop_
_entity.id
_entity.type
_entity.pdbx_description
1 polymer 'Thiol peroxidase'
2 non-polymer 'SULFATE ION'
3 non-polymer GLYCEROL
4 non-polymer 'DITHIANE DIOL'
5 water water
#
_entity_poly.entity_id   1
_entity_poly.type   'polypeptide(L)'
_entity_poly.pdbx_seq_one_letter_code
;MKGLVELGEKAPDFTLPNQDFEPVNLYEVLKRGRPAVLIFFPAAFSPVCTKELCTFRDKMAQLEKANAEVLAISVDSPWC
LKKFKDENRLAFNLLSDYNREVIKLYNVYHEDLKGLKMVAKRAVFIVKPDGTVAYKWVTDNPLNEPDYDEVVREANKIAG
ELVA
;
_entity_poly.pdbx_strand_id   A,B,C,D
#
loop_
_chem_comp.id
_chem_comp.type
_chem_comp.name
_chem_comp.formula
DTD non-polymer 'DITHIANE DIOL' 'C4 H8 O2 S2'
GOL non-polymer GLYCEROL 'C3 H8 O3'
SO4 non-polymer 'SULFATE ION' 'O4 S -2'
#
# COMPACT_ATOMS: atom_id res chain seq x y z
N LEU A 4 -20.87 -16.65 12.96
CA LEU A 4 -20.28 -15.36 12.57
C LEU A 4 -20.53 -14.95 11.14
N VAL A 5 -20.23 -15.83 10.15
CA VAL A 5 -20.46 -15.57 8.71
C VAL A 5 -21.28 -16.73 8.09
N GLU A 6 -22.58 -16.49 7.88
CA GLU A 6 -23.49 -17.49 7.32
C GLU A 6 -23.84 -17.28 5.86
N LEU A 7 -24.14 -18.37 5.17
CA LEU A 7 -24.61 -18.40 3.80
C LEU A 7 -25.88 -17.54 3.69
N GLY A 8 -25.96 -16.71 2.66
CA GLY A 8 -27.09 -15.83 2.45
C GLY A 8 -26.98 -14.46 3.11
N GLU A 9 -26.11 -14.31 4.13
CA GLU A 9 -25.94 -13.00 4.79
C GLU A 9 -24.83 -12.12 4.17
N LYS A 10 -24.64 -10.89 4.67
CA LYS A 10 -23.63 -9.96 4.15
C LYS A 10 -22.25 -10.26 4.68
N ALA A 11 -21.28 -10.41 3.77
CA ALA A 11 -19.87 -10.66 4.07
C ALA A 11 -19.30 -9.39 4.71
N PRO A 12 -18.67 -9.49 5.91
CA PRO A 12 -18.08 -8.29 6.51
C PRO A 12 -16.92 -7.77 5.67
N ASP A 13 -16.82 -6.44 5.54
CA ASP A 13 -15.77 -5.80 4.76
C ASP A 13 -14.44 -5.90 5.50
N PHE A 14 -13.33 -5.78 4.75
CA PHE A 14 -11.99 -5.82 5.28
C PHE A 14 -11.04 -5.26 4.25
N THR A 15 -9.91 -4.80 4.75
CA THR A 15 -8.78 -4.30 4.00
C THR A 15 -7.53 -5.04 4.53
N LEU A 16 -6.77 -5.60 3.61
CA LEU A 16 -5.53 -6.28 3.97
C LEU A 16 -4.48 -5.90 2.92
N PRO A 17 -3.18 -5.94 3.28
CA PRO A 17 -2.16 -5.71 2.25
C PRO A 17 -1.98 -6.96 1.38
N ASN A 18 -1.77 -6.76 0.09
CA ASN A 18 -1.46 -7.85 -0.80
C ASN A 18 0.06 -8.13 -0.76
N GLN A 19 0.53 -9.06 -1.57
CA GLN A 19 1.94 -9.46 -1.64
C GLN A 19 2.92 -8.28 -1.92
N ASP A 20 2.40 -7.16 -2.42
CA ASP A 20 3.22 -5.96 -2.70
C ASP A 20 2.91 -4.83 -1.73
N PHE A 21 2.26 -5.12 -0.60
CA PHE A 21 1.88 -4.10 0.39
C PHE A 21 0.81 -3.10 -0.11
N GLU A 22 0.13 -3.46 -1.22
CA GLU A 22 -0.93 -2.56 -1.70
C GLU A 22 -2.20 -2.93 -0.93
N PRO A 23 -2.91 -2.00 -0.24
CA PRO A 23 -4.13 -2.43 0.47
C PRO A 23 -5.21 -2.88 -0.51
N VAL A 24 -5.88 -3.97 -0.17
CA VAL A 24 -6.95 -4.48 -1.01
C VAL A 24 -8.16 -4.53 -0.12
N ASN A 25 -9.21 -3.86 -0.53
CA ASN A 25 -10.47 -3.76 0.21
C ASN A 25 -11.52 -4.62 -0.48
N LEU A 26 -12.17 -5.52 0.27
CA LEU A 26 -13.18 -6.45 -0.27
C LEU A 26 -14.30 -5.74 -1.06
N TYR A 27 -14.90 -4.71 -0.47
CA TYR A 27 -15.98 -3.98 -1.14
C TYR A 27 -15.59 -3.19 -2.39
N GLU A 28 -14.32 -2.75 -2.49
CA GLU A 28 -13.82 -2.11 -3.71
C GLU A 28 -13.75 -3.15 -4.80
N VAL A 29 -13.32 -4.34 -4.45
CA VAL A 29 -13.20 -5.45 -5.38
C VAL A 29 -14.57 -5.83 -5.91
N LEU A 30 -15.56 -6.04 -5.00
CA LEU A 30 -16.94 -6.39 -5.35
C LEU A 30 -17.58 -5.35 -6.24
N LYS A 31 -17.30 -4.07 -5.96
CA LYS A 31 -17.83 -2.96 -6.73
C LYS A 31 -17.52 -3.11 -8.23
N ARG A 32 -16.46 -3.85 -8.61
CA ARG A 32 -16.14 -4.07 -10.03
C ARG A 32 -17.25 -4.84 -10.77
N GLY A 33 -18.10 -5.55 -10.05
CA GLY A 33 -19.28 -6.17 -10.64
C GLY A 33 -19.22 -7.66 -10.88
N ARG A 34 -18.20 -8.33 -10.37
CA ARG A 34 -18.03 -9.76 -10.47
C ARG A 34 -18.01 -10.30 -9.05
N PRO A 35 -18.44 -11.56 -8.82
CA PRO A 35 -18.29 -12.15 -7.48
C PRO A 35 -16.82 -12.24 -7.06
N ALA A 36 -16.61 -12.34 -5.76
CA ALA A 36 -15.28 -12.48 -5.25
C ALA A 36 -15.22 -13.83 -4.62
N VAL A 37 -14.16 -14.59 -4.92
CA VAL A 37 -13.89 -15.89 -4.33
C VAL A 37 -12.81 -15.67 -3.27
N LEU A 38 -13.14 -15.89 -1.98
CA LEU A 38 -12.18 -15.77 -0.88
C LEU A 38 -11.67 -17.15 -0.54
N ILE A 39 -10.35 -17.36 -0.60
CA ILE A 39 -9.78 -18.67 -0.25
C ILE A 39 -8.84 -18.51 0.89
N PHE A 40 -9.17 -19.11 2.02
CA PHE A 40 -8.28 -19.06 3.18
C PHE A 40 -7.38 -20.29 3.17
N PHE A 41 -6.11 -20.14 3.55
CA PHE A 41 -5.22 -21.29 3.61
C PHE A 41 -4.26 -21.14 4.77
N PRO A 42 -3.88 -22.25 5.46
CA PRO A 42 -3.02 -22.15 6.65
C PRO A 42 -1.62 -21.56 6.47
N ALA A 43 -0.93 -21.95 5.39
CA ALA A 43 0.45 -21.57 5.19
C ALA A 43 0.91 -21.81 3.78
N ALA A 44 1.63 -20.83 3.24
CA ALA A 44 2.29 -20.99 1.94
C ALA A 44 3.40 -22.05 2.14
N PHE A 45 3.69 -22.80 1.08
CA PHE A 45 4.71 -23.84 1.00
C PHE A 45 4.49 -24.99 1.96
N SER A 46 3.26 -25.20 2.43
CA SER A 46 2.95 -26.30 3.31
C SER A 46 2.28 -27.41 2.51
N PRO A 47 2.24 -28.69 2.99
CA PRO A 47 1.60 -29.74 2.17
C PRO A 47 0.08 -29.78 2.18
N VAL A 48 -0.51 -30.52 1.18
CA VAL A 48 -1.93 -30.81 0.98
C VAL A 48 -2.07 -32.33 0.92
N CYS A 49 -3.16 -32.90 1.48
CA CYS A 49 -3.39 -34.35 1.48
C CYS A 49 -4.85 -34.70 1.14
N THR A 50 -5.04 -35.77 0.36
CA THR A 50 -6.31 -36.44 0.11
C THR A 50 -6.22 -37.66 1.05
N LYS A 51 -7.10 -38.64 0.90
CA LYS A 51 -7.01 -39.83 1.75
C LYS A 51 -5.80 -40.66 1.36
N GLU A 52 -5.30 -40.47 0.12
CA GLU A 52 -4.22 -41.27 -0.45
C GLU A 52 -2.94 -40.56 -0.89
N LEU A 53 -2.99 -39.29 -1.24
CA LEU A 53 -1.85 -38.55 -1.76
C LEU A 53 -1.53 -37.34 -0.92
N CYS A 54 -0.28 -37.19 -0.50
CA CYS A 54 0.23 -36.05 0.26
C CYS A 54 1.33 -35.42 -0.60
N THR A 55 1.19 -34.12 -0.91
CA THR A 55 2.12 -33.41 -1.80
C THR A 55 2.35 -31.95 -1.37
N PHE A 56 3.30 -31.28 -2.01
CA PHE A 56 3.54 -29.86 -1.78
C PHE A 56 2.99 -29.09 -2.99
N ARG A 57 2.32 -29.81 -3.92
CA ARG A 57 1.76 -29.23 -5.12
C ARG A 57 0.45 -28.58 -4.75
N ASP A 58 0.44 -27.25 -4.76
CA ASP A 58 -0.75 -26.45 -4.43
C ASP A 58 -1.52 -26.27 -5.74
N LYS A 59 -2.86 -26.40 -5.71
CA LYS A 59 -3.65 -26.28 -6.94
C LYS A 59 -4.55 -25.03 -7.03
N MET A 60 -4.29 -24.00 -6.20
CA MET A 60 -5.06 -22.75 -6.22
C MET A 60 -5.11 -22.07 -7.60
N ALA A 61 -4.11 -22.32 -8.45
CA ALA A 61 -4.03 -21.74 -9.80
C ALA A 61 -5.23 -22.07 -10.68
N GLN A 62 -5.95 -23.17 -10.38
CA GLN A 62 -7.15 -23.57 -11.12
C GLN A 62 -8.28 -22.51 -11.00
N LEU A 63 -8.25 -21.67 -9.94
CA LEU A 63 -9.27 -20.64 -9.71
C LEU A 63 -9.18 -19.48 -10.70
N GLU A 64 -8.10 -19.39 -11.47
CA GLU A 64 -7.90 -18.36 -12.50
C GLU A 64 -8.97 -18.47 -13.60
N LYS A 65 -9.52 -19.68 -13.80
CA LYS A 65 -10.57 -20.02 -14.77
C LYS A 65 -11.91 -19.35 -14.40
N ALA A 66 -12.18 -19.18 -13.09
CA ALA A 66 -13.43 -18.59 -12.59
C ALA A 66 -13.68 -17.18 -13.12
N ASN A 67 -14.94 -16.90 -13.54
CA ASN A 67 -15.35 -15.59 -14.02
C ASN A 67 -15.66 -14.76 -12.76
N ALA A 68 -14.62 -14.54 -11.96
CA ALA A 68 -14.73 -13.87 -10.67
C ALA A 68 -13.37 -13.38 -10.21
N GLU A 69 -13.34 -12.39 -9.31
CA GLU A 69 -12.07 -11.95 -8.74
C GLU A 69 -11.67 -12.97 -7.65
N VAL A 70 -10.40 -13.40 -7.62
CA VAL A 70 -9.93 -14.37 -6.62
C VAL A 70 -9.06 -13.66 -5.58
N LEU A 71 -9.34 -13.87 -4.29
CA LEU A 71 -8.50 -13.32 -3.22
C LEU A 71 -8.11 -14.46 -2.29
N ALA A 72 -6.79 -14.80 -2.23
CA ALA A 72 -6.28 -15.90 -1.40
C ALA A 72 -5.68 -15.29 -0.13
N ILE A 73 -6.06 -15.81 1.06
CA ILE A 73 -5.67 -15.21 2.34
C ILE A 73 -5.00 -16.21 3.25
N SER A 74 -3.81 -15.84 3.80
CA SER A 74 -3.11 -16.62 4.81
C SER A 74 -2.53 -15.64 5.81
N VAL A 75 -2.06 -16.14 6.95
CA VAL A 75 -1.45 -15.23 7.94
C VAL A 75 0.05 -15.02 7.63
N ASP A 76 0.58 -15.56 6.53
CA ASP A 76 2.00 -15.34 6.16
C ASP A 76 2.21 -13.87 5.82
N SER A 77 3.45 -13.39 5.88
CA SER A 77 3.79 -12.00 5.59
C SER A 77 3.60 -11.75 4.11
N PRO A 78 3.44 -10.48 3.67
CA PRO A 78 3.38 -10.21 2.21
C PRO A 78 4.67 -10.66 1.51
N TRP A 79 5.85 -10.66 2.19
CA TRP A 79 7.09 -11.11 1.52
C TRP A 79 7.04 -12.61 1.19
N CYS A 80 6.51 -13.40 2.10
N CYS A 80 6.48 -13.42 2.13
CA CYS A 80 6.39 -14.82 1.89
CA CYS A 80 6.27 -14.88 1.97
C CYS A 80 5.34 -15.08 0.78
C CYS A 80 5.34 -15.08 0.79
N LEU A 81 4.19 -14.34 0.83
CA LEU A 81 3.14 -14.42 -0.18
C LEU A 81 3.60 -14.01 -1.58
N LYS A 82 4.52 -13.04 -1.67
CA LYS A 82 5.09 -12.61 -2.96
C LYS A 82 5.91 -13.77 -3.56
N LYS A 83 6.68 -14.47 -2.71
CA LYS A 83 7.48 -15.63 -3.16
C LYS A 83 6.56 -16.75 -3.64
N PHE A 84 5.52 -17.07 -2.84
CA PHE A 84 4.50 -18.08 -3.15
C PHE A 84 3.75 -17.74 -4.47
N LYS A 85 3.31 -16.49 -4.62
CA LYS A 85 2.63 -16.01 -5.84
C LYS A 85 3.55 -16.21 -7.07
N ASP A 86 4.82 -15.75 -6.97
CA ASP A 86 5.82 -15.88 -8.05
C ASP A 86 6.18 -17.32 -8.39
N GLU A 87 6.29 -18.20 -7.39
CA GLU A 87 6.65 -19.62 -7.63
C GLU A 87 5.55 -20.36 -8.36
N ASN A 88 4.29 -20.12 -7.95
CA ASN A 88 3.13 -20.79 -8.49
C ASN A 88 2.52 -20.06 -9.68
N ARG A 89 3.12 -18.93 -10.11
CA ARG A 89 2.66 -18.10 -11.22
C ARG A 89 1.14 -17.80 -11.08
N LEU A 90 0.72 -17.42 -9.85
CA LEU A 90 -0.69 -17.10 -9.53
C LEU A 90 -1.01 -15.72 -10.06
N ALA A 91 -2.03 -15.62 -10.90
CA ALA A 91 -2.47 -14.39 -11.53
C ALA A 91 -3.49 -13.62 -10.68
N PHE A 92 -3.52 -13.84 -9.35
CA PHE A 92 -4.46 -13.09 -8.50
C PHE A 92 -3.74 -12.59 -7.25
N ASN A 93 -4.43 -11.77 -6.47
CA ASN A 93 -3.86 -11.24 -5.25
C ASN A 93 -3.86 -12.26 -4.13
N LEU A 94 -2.78 -12.21 -3.34
CA LEU A 94 -2.59 -12.99 -2.13
C LEU A 94 -2.55 -11.94 -1.05
N LEU A 95 -3.39 -12.08 -0.03
CA LEU A 95 -3.49 -11.09 1.05
C LEU A 95 -2.99 -11.68 2.35
N SER A 96 -2.33 -10.84 3.14
CA SER A 96 -1.73 -11.26 4.39
C SER A 96 -2.58 -10.82 5.54
N ASP A 97 -3.13 -11.79 6.30
CA ASP A 97 -3.91 -11.53 7.51
C ASP A 97 -2.98 -11.76 8.72
N TYR A 98 -1.77 -11.25 8.61
CA TYR A 98 -0.70 -11.34 9.61
C TYR A 98 -1.17 -11.02 11.02
N ASN A 99 -2.09 -10.07 11.16
CA ASN A 99 -2.57 -9.62 12.47
C ASN A 99 -3.81 -10.37 12.93
N ARG A 100 -4.19 -11.44 12.19
CA ARG A 100 -5.30 -12.39 12.43
C ARG A 100 -6.68 -11.79 12.59
N GLU A 101 -6.90 -10.58 12.05
CA GLU A 101 -8.19 -9.92 12.17
C GLU A 101 -9.25 -10.47 11.22
N VAL A 102 -8.87 -10.80 9.97
CA VAL A 102 -9.80 -11.36 8.98
C VAL A 102 -10.26 -12.79 9.30
N ILE A 103 -9.37 -13.64 9.84
CA ILE A 103 -9.74 -15.01 10.19
C ILE A 103 -10.69 -15.07 11.39
N LYS A 104 -10.59 -14.08 12.29
CA LYS A 104 -11.49 -13.94 13.46
C LYS A 104 -12.86 -13.49 12.94
N LEU A 105 -12.88 -12.44 12.07
CA LEU A 105 -14.04 -11.87 11.39
C LEU A 105 -14.86 -12.96 10.64
N TYR A 106 -14.19 -13.80 9.83
CA TYR A 106 -14.86 -14.87 9.07
C TYR A 106 -14.95 -16.20 9.82
N ASN A 107 -14.47 -16.25 11.08
CA ASN A 107 -14.45 -17.41 11.98
C ASN A 107 -13.88 -18.66 11.30
N VAL A 108 -12.69 -18.52 10.69
CA VAL A 108 -12.00 -19.58 9.94
C VAL A 108 -10.57 -19.71 10.44
N TYR A 109 -10.43 -20.11 11.69
CA TYR A 109 -9.10 -20.23 12.27
C TYR A 109 -8.89 -21.47 13.08
N HIS A 110 -7.63 -21.96 13.15
CA HIS A 110 -7.22 -23.08 14.01
C HIS A 110 -6.59 -22.41 15.19
N GLU A 111 -7.02 -22.80 16.40
CA GLU A 111 -6.48 -22.29 17.67
C GLU A 111 -4.98 -22.68 17.77
N ASP A 112 -4.65 -23.91 17.30
CA ASP A 112 -3.31 -24.48 17.29
C ASP A 112 -3.15 -25.51 16.19
N LEU A 113 -2.13 -25.37 15.34
CA LEU A 113 -1.82 -26.36 14.31
C LEU A 113 -0.34 -26.71 14.41
N LYS A 114 0.00 -27.94 14.86
CA LYS A 114 1.39 -28.40 15.04
C LYS A 114 2.18 -27.43 15.95
N GLY A 115 1.55 -26.90 17.00
CA GLY A 115 2.15 -25.92 17.92
C GLY A 115 2.13 -24.47 17.42
N LEU A 116 1.63 -24.23 16.18
CA LEU A 116 1.55 -22.89 15.62
C LEU A 116 0.15 -22.31 15.88
N LYS A 117 0.07 -21.23 16.68
CA LYS A 117 -1.17 -20.60 17.13
C LYS A 117 -1.84 -19.63 16.14
N MET A 118 -3.20 -19.69 16.07
CA MET A 118 -4.08 -18.82 15.26
C MET A 118 -3.80 -18.81 13.75
N VAL A 119 -3.92 -19.97 13.12
CA VAL A 119 -3.63 -20.20 11.70
C VAL A 119 -4.98 -20.30 10.98
N ALA A 120 -5.05 -19.90 9.70
CA ALA A 120 -6.29 -19.94 8.91
C ALA A 120 -6.70 -21.38 8.57
N LYS A 121 -8.01 -21.66 8.65
CA LYS A 121 -8.55 -22.95 8.25
C LYS A 121 -8.63 -22.90 6.74
N ARG A 122 -8.65 -24.05 6.08
CA ARG A 122 -8.87 -24.07 4.63
C ARG A 122 -10.34 -23.70 4.47
N ALA A 123 -10.63 -22.63 3.72
CA ALA A 123 -12.01 -22.21 3.53
C ALA A 123 -12.19 -21.52 2.20
N VAL A 124 -13.43 -21.54 1.70
CA VAL A 124 -13.84 -20.86 0.47
C VAL A 124 -15.16 -20.14 0.69
N PHE A 125 -15.19 -18.82 0.40
CA PHE A 125 -16.42 -18.01 0.42
C PHE A 125 -16.56 -17.42 -0.96
N ILE A 126 -17.74 -17.58 -1.57
CA ILE A 126 -18.04 -16.91 -2.83
C ILE A 126 -19.02 -15.79 -2.46
N VAL A 127 -18.61 -14.53 -2.63
CA VAL A 127 -19.37 -13.34 -2.28
C VAL A 127 -19.84 -12.61 -3.56
N LYS A 128 -21.16 -12.38 -3.65
CA LYS A 128 -21.80 -11.64 -4.75
C LYS A 128 -21.42 -10.15 -4.67
N PRO A 129 -21.45 -9.39 -5.80
CA PRO A 129 -21.15 -7.93 -5.73
C PRO A 129 -21.97 -7.15 -4.68
N ASP A 130 -23.24 -7.54 -4.41
CA ASP A 130 -24.03 -6.85 -3.38
C ASP A 130 -23.58 -7.16 -1.92
N GLY A 131 -22.63 -8.09 -1.75
CA GLY A 131 -22.07 -8.49 -0.47
C GLY A 131 -22.57 -9.82 0.08
N THR A 132 -23.54 -10.42 -0.61
CA THR A 132 -24.18 -11.68 -0.21
C THR A 132 -23.28 -12.88 -0.38
N VAL A 133 -23.19 -13.71 0.69
CA VAL A 133 -22.41 -14.95 0.71
C VAL A 133 -23.25 -16.01 -0.05
N ALA A 134 -22.86 -16.31 -1.29
CA ALA A 134 -23.58 -17.26 -2.14
C ALA A 134 -23.01 -18.68 -2.12
N TYR A 135 -21.93 -18.90 -1.39
CA TYR A 135 -21.26 -20.20 -1.26
C TYR A 135 -20.29 -20.15 -0.07
N LYS A 136 -20.30 -21.22 0.73
CA LYS A 136 -19.44 -21.32 1.91
C LYS A 136 -18.98 -22.77 2.09
N TRP A 137 -17.67 -22.98 2.22
CA TRP A 137 -17.08 -24.29 2.45
C TRP A 137 -15.96 -24.09 3.47
N VAL A 138 -16.00 -24.81 4.60
CA VAL A 138 -14.98 -24.78 5.67
C VAL A 138 -14.65 -26.22 6.06
N THR A 139 -13.37 -26.50 6.36
CA THR A 139 -12.94 -27.84 6.84
C THR A 139 -12.10 -27.66 8.11
N ASP A 140 -12.13 -28.62 9.02
CA ASP A 140 -11.32 -28.59 10.24
C ASP A 140 -10.02 -29.34 10.03
N ASN A 141 -9.85 -29.91 8.83
CA ASN A 141 -8.66 -30.66 8.38
C ASN A 141 -7.73 -29.70 7.61
N PRO A 142 -6.61 -29.21 8.23
CA PRO A 142 -5.74 -28.23 7.53
C PRO A 142 -5.10 -28.70 6.23
N LEU A 143 -5.12 -30.01 6.00
CA LEU A 143 -4.55 -30.63 4.81
C LEU A 143 -5.53 -30.71 3.65
N ASN A 144 -6.83 -30.67 3.96
CA ASN A 144 -7.94 -30.85 3.01
C ASN A 144 -8.20 -29.65 2.10
N GLU A 145 -7.65 -29.73 0.86
CA GLU A 145 -7.78 -28.73 -0.19
C GLU A 145 -9.21 -28.74 -0.72
N PRO A 146 -9.82 -27.58 -1.02
CA PRO A 146 -11.16 -27.60 -1.62
C PRO A 146 -11.14 -28.22 -3.02
N ASP A 147 -12.29 -28.56 -3.57
CA ASP A 147 -12.36 -29.06 -4.93
C ASP A 147 -12.44 -27.80 -5.81
N TYR A 148 -11.28 -27.33 -6.32
CA TYR A 148 -11.17 -26.13 -7.14
C TYR A 148 -12.09 -26.12 -8.36
N ASP A 149 -12.32 -27.29 -9.00
CA ASP A 149 -13.25 -27.43 -10.13
C ASP A 149 -14.68 -27.12 -9.71
N GLU A 150 -15.09 -27.55 -8.48
CA GLU A 150 -16.42 -27.26 -7.94
C GLU A 150 -16.53 -25.78 -7.59
N VAL A 151 -15.42 -25.17 -7.09
CA VAL A 151 -15.44 -23.74 -6.74
C VAL A 151 -15.64 -22.90 -8.00
N VAL A 152 -14.90 -23.21 -9.09
CA VAL A 152 -14.96 -22.56 -10.41
C VAL A 152 -16.39 -22.69 -10.94
N ARG A 153 -16.98 -23.90 -10.80
CA ARG A 153 -18.34 -24.28 -11.21
C ARG A 153 -19.36 -23.39 -10.49
N GLU A 154 -19.28 -23.27 -9.14
CA GLU A 154 -20.21 -22.44 -8.37
C GLU A 154 -19.99 -20.97 -8.67
N ALA A 155 -18.73 -20.53 -8.82
CA ALA A 155 -18.41 -19.13 -9.09
C ALA A 155 -18.96 -18.68 -10.45
N ASN A 156 -18.79 -19.50 -11.50
CA ASN A 156 -19.30 -19.23 -12.85
C ASN A 156 -20.82 -19.16 -12.86
N LYS A 157 -21.47 -20.01 -12.03
CA LYS A 157 -22.92 -20.05 -11.84
C LYS A 157 -23.40 -18.77 -11.14
N ILE A 158 -22.78 -18.41 -9.99
CA ILE A 158 -23.08 -17.18 -9.21
C ILE A 158 -22.92 -15.92 -10.07
N ALA A 159 -21.86 -15.85 -10.89
CA ALA A 159 -21.61 -14.74 -11.84
C ALA A 159 -22.65 -14.71 -12.97
N GLY A 160 -23.20 -15.87 -13.31
CA GLY A 160 -24.22 -16.01 -14.35
C GLY A 160 -25.58 -15.49 -13.93
N GLU A 161 -25.98 -15.79 -12.68
CA GLU A 161 -27.27 -15.38 -12.09
C GLU A 161 -27.35 -13.87 -11.95
N LEU A 162 -26.19 -13.19 -11.82
CA LEU A 162 -26.02 -11.74 -11.63
C LEU A 162 -26.82 -10.88 -12.59
N VAL A 163 -27.80 -10.17 -12.04
CA VAL A 163 -28.72 -9.26 -12.74
C VAL A 163 -28.63 -7.88 -12.07
N LEU B 4 16.50 23.90 6.30
CA LEU B 4 15.74 22.67 6.56
C LEU B 4 16.35 21.40 5.93
N VAL B 5 16.60 21.38 4.59
CA VAL B 5 17.29 20.27 3.90
C VAL B 5 18.40 20.88 3.04
N GLU B 6 19.66 20.72 3.46
CA GLU B 6 20.81 21.31 2.77
C GLU B 6 21.77 20.29 2.19
N LEU B 7 22.53 20.72 1.18
CA LEU B 7 23.54 19.92 0.48
C LEU B 7 24.55 19.39 1.48
N GLY B 8 24.94 18.14 1.32
CA GLY B 8 25.89 17.50 2.22
C GLY B 8 25.29 16.90 3.49
N GLU B 9 24.06 17.29 3.87
CA GLU B 9 23.45 16.73 5.07
C GLU B 9 22.56 15.50 4.79
N LYS B 10 22.06 14.83 5.84
N LYS B 10 22.05 14.84 5.84
CA LYS B 10 21.21 13.64 5.72
CA LYS B 10 21.21 13.65 5.68
C LYS B 10 19.78 14.00 5.28
C LYS B 10 19.77 14.00 5.29
N ALA B 11 19.27 13.30 4.25
CA ALA B 11 17.90 13.52 3.73
C ALA B 11 16.89 12.93 4.73
N PRO B 12 15.87 13.70 5.19
CA PRO B 12 14.86 13.14 6.10
C PRO B 12 14.14 11.98 5.43
N ASP B 13 13.86 10.93 6.19
CA ASP B 13 13.17 9.74 5.71
C ASP B 13 11.68 10.06 5.54
N PHE B 14 11.00 9.31 4.69
CA PHE B 14 9.56 9.45 4.54
C PHE B 14 9.00 8.23 3.87
N THR B 15 7.69 8.04 4.03
CA THR B 15 6.90 7.00 3.39
C THR B 15 5.71 7.69 2.76
N LEU B 16 5.49 7.48 1.49
CA LEU B 16 4.30 8.02 0.82
C LEU B 16 3.70 6.94 -0.05
N PRO B 17 2.38 6.97 -0.34
CA PRO B 17 1.83 5.97 -1.28
C PRO B 17 2.23 6.30 -2.71
N ASN B 18 2.48 5.28 -3.53
CA ASN B 18 2.75 5.49 -4.94
C ASN B 18 1.41 5.53 -5.72
N GLN B 19 1.47 5.61 -7.05
CA GLN B 19 0.26 5.65 -7.88
C GLN B 19 -0.69 4.44 -7.68
N ASP B 20 -0.22 3.33 -7.06
CA ASP B 20 -1.03 2.12 -6.81
C ASP B 20 -1.32 1.95 -5.32
N PHE B 21 -1.10 3.01 -4.50
CA PHE B 21 -1.29 2.97 -3.04
C PHE B 21 -0.29 2.08 -2.29
N GLU B 22 0.75 1.66 -3.00
CA GLU B 22 1.77 0.85 -2.33
C GLU B 22 2.69 1.83 -1.57
N PRO B 23 2.95 1.65 -0.27
CA PRO B 23 3.86 2.57 0.45
C PRO B 23 5.30 2.46 -0.05
N VAL B 24 5.94 3.61 -0.33
CA VAL B 24 7.32 3.65 -0.79
C VAL B 24 8.06 4.46 0.25
N ASN B 25 9.07 3.84 0.84
CA ASN B 25 9.89 4.45 1.87
C ASN B 25 11.25 4.81 1.27
N LEU B 26 11.66 6.09 1.45
CA LEU B 26 12.94 6.57 0.90
C LEU B 26 14.15 5.74 1.32
N TYR B 27 14.29 5.44 2.62
CA TYR B 27 15.45 4.65 3.02
C TYR B 27 15.47 3.19 2.55
N GLU B 28 14.29 2.59 2.30
CA GLU B 28 14.18 1.24 1.71
C GLU B 28 14.69 1.30 0.27
N VAL B 29 14.33 2.39 -0.46
CA VAL B 29 14.79 2.60 -1.83
C VAL B 29 16.33 2.77 -1.84
N LEU B 30 16.89 3.61 -0.93
CA LEU B 30 18.33 3.87 -0.82
C LEU B 30 19.14 2.63 -0.52
N LYS B 31 18.59 1.75 0.32
CA LYS B 31 19.19 0.48 0.74
C LYS B 31 19.62 -0.37 -0.48
N ARG B 32 18.87 -0.31 -1.60
CA ARG B 32 19.20 -1.03 -2.83
C ARG B 32 20.62 -0.73 -3.38
N GLY B 33 21.22 0.38 -2.98
CA GLY B 33 22.62 0.68 -3.29
C GLY B 33 22.94 1.65 -4.40
N ARG B 34 21.92 2.36 -4.89
CA ARG B 34 22.06 3.36 -5.95
C ARG B 34 21.49 4.66 -5.44
N PRO B 35 21.93 5.84 -5.96
CA PRO B 35 21.29 7.10 -5.54
C PRO B 35 19.81 7.17 -5.89
N ALA B 36 19.10 8.01 -5.16
CA ALA B 36 17.70 8.25 -5.46
C ALA B 36 17.61 9.71 -5.89
N VAL B 37 16.90 9.92 -7.01
CA VAL B 37 16.60 11.24 -7.58
C VAL B 37 15.17 11.56 -7.15
N LEU B 38 15.02 12.59 -6.28
CA LEU B 38 13.69 13.05 -5.85
C LEU B 38 13.27 14.24 -6.73
N ILE B 39 12.16 14.14 -7.46
CA ILE B 39 11.69 15.26 -8.29
C ILE B 39 10.40 15.76 -7.68
N PHE B 40 10.32 17.01 -7.23
CA PHE B 40 9.06 17.58 -6.75
C PHE B 40 8.46 18.39 -7.89
N PHE B 41 7.13 18.31 -8.05
CA PHE B 41 6.45 19.07 -9.11
C PHE B 41 5.09 19.55 -8.61
N PRO B 42 4.67 20.77 -8.97
CA PRO B 42 3.39 21.31 -8.43
C PRO B 42 2.13 20.54 -8.76
N ALA B 43 2.02 20.07 -10.01
CA ALA B 43 0.78 19.42 -10.43
C ALA B 43 0.95 18.67 -11.71
N ALA B 44 0.38 17.44 -11.75
CA ALA B 44 0.29 16.63 -12.95
C ALA B 44 -0.60 17.41 -13.93
N PHE B 45 -0.27 17.33 -15.22
CA PHE B 45 -1.01 17.96 -16.33
C PHE B 45 -0.99 19.47 -16.32
N SER B 46 0.06 20.07 -15.74
CA SER B 46 0.16 21.51 -15.76
C SER B 46 1.22 21.97 -16.76
N PRO B 47 1.19 23.23 -17.24
CA PRO B 47 2.20 23.64 -18.20
C PRO B 47 3.60 23.94 -17.62
N VAL B 48 4.59 23.98 -18.54
CA VAL B 48 5.99 24.32 -18.32
C VAL B 48 6.35 25.40 -19.35
N CYS B 49 7.18 26.38 -18.95
CA CYS B 49 7.57 27.49 -19.81
C CYS B 49 9.07 27.76 -19.72
N THR B 50 9.67 28.08 -20.87
CA THR B 50 11.04 28.56 -21.03
C THR B 50 10.80 30.03 -21.41
N LYS B 51 11.84 30.76 -21.83
CA LYS B 51 11.62 32.15 -22.23
C LYS B 51 10.85 32.18 -23.53
N GLU B 52 10.96 31.14 -24.38
CA GLU B 52 10.29 31.15 -25.69
C GLU B 52 9.13 30.20 -25.87
N LEU B 53 9.10 29.10 -25.16
CA LEU B 53 8.13 28.05 -25.35
C LEU B 53 7.32 27.70 -24.10
N CYS B 54 5.96 27.71 -24.21
CA CYS B 54 5.04 27.31 -23.13
C CYS B 54 4.28 26.09 -23.66
N THR B 55 4.36 24.97 -22.96
CA THR B 55 3.77 23.71 -23.39
C THR B 55 3.16 22.89 -22.24
N PHE B 56 2.40 21.85 -22.58
CA PHE B 56 1.94 20.88 -21.57
C PHE B 56 2.82 19.65 -21.61
N ARG B 57 3.82 19.62 -22.50
CA ARG B 57 4.71 18.47 -22.60
C ARG B 57 5.53 18.35 -21.30
N ASP B 58 5.60 17.14 -20.74
CA ASP B 58 6.38 16.87 -19.53
C ASP B 58 7.57 16.02 -19.95
N LYS B 59 8.78 16.40 -19.50
CA LYS B 59 9.99 15.69 -19.91
C LYS B 59 10.65 14.79 -18.85
N MET B 60 9.94 14.43 -17.77
CA MET B 60 10.46 13.59 -16.67
C MET B 60 10.96 12.23 -17.15
N ALA B 61 10.39 11.70 -18.26
CA ALA B 61 10.76 10.43 -18.85
C ALA B 61 12.26 10.33 -19.15
N GLN B 62 12.92 11.48 -19.43
CA GLN B 62 14.36 11.61 -19.67
C GLN B 62 15.18 11.11 -18.45
N LEU B 63 14.57 11.11 -17.24
CA LEU B 63 15.25 10.65 -16.03
C LEU B 63 15.41 9.13 -15.98
N GLU B 64 14.75 8.36 -16.87
CA GLU B 64 14.89 6.89 -16.90
C GLU B 64 16.30 6.45 -17.26
N LYS B 65 17.02 7.29 -18.04
CA LYS B 65 18.41 7.05 -18.47
C LYS B 65 19.39 7.08 -17.28
N ALA B 66 19.03 7.75 -16.17
CA ALA B 66 19.89 7.82 -14.97
C ALA B 66 20.11 6.47 -14.32
N ASN B 67 21.35 6.22 -13.86
CA ASN B 67 21.75 5.00 -13.13
C ASN B 67 21.43 5.23 -11.64
N ALA B 68 20.14 5.49 -11.38
CA ALA B 68 19.62 5.81 -10.06
C ALA B 68 18.14 5.48 -9.99
N GLU B 69 17.58 5.44 -8.79
CA GLU B 69 16.15 5.22 -8.62
C GLU B 69 15.45 6.60 -8.63
N VAL B 70 14.35 6.75 -9.38
CA VAL B 70 13.63 8.03 -9.49
C VAL B 70 12.30 7.98 -8.73
N LEU B 71 12.03 9.01 -7.90
CA LEU B 71 10.77 9.15 -7.17
C LEU B 71 10.27 10.56 -7.49
N ALA B 72 9.16 10.64 -8.23
CA ALA B 72 8.60 11.93 -8.61
C ALA B 72 7.47 12.22 -7.63
N ILE B 73 7.46 13.40 -6.98
CA ILE B 73 6.48 13.69 -5.92
C ILE B 73 5.63 14.90 -6.17
N SER B 74 4.28 14.77 -6.06
CA SER B 74 3.38 15.93 -6.05
C SER B 74 2.27 15.69 -5.05
N VAL B 75 1.50 16.74 -4.72
CA VAL B 75 0.35 16.68 -3.80
C VAL B 75 -0.88 16.07 -4.54
N ASP B 76 -0.77 15.69 -5.84
CA ASP B 76 -1.92 15.08 -6.54
C ASP B 76 -2.24 13.74 -5.91
N SER B 77 -3.51 13.27 -6.05
CA SER B 77 -3.86 11.96 -5.49
C SER B 77 -3.15 10.85 -6.26
N PRO B 78 -3.03 9.62 -5.69
CA PRO B 78 -2.47 8.49 -6.46
C PRO B 78 -3.29 8.17 -7.73
N TRP B 79 -4.62 8.46 -7.74
CA TRP B 79 -5.38 8.15 -8.97
C TRP B 79 -4.99 9.11 -10.10
N CYS B 80 -4.78 10.37 -9.76
N CYS B 80 -4.74 10.40 -9.75
CA CYS B 80 -4.32 11.37 -10.74
CA CYS B 80 -4.27 11.42 -10.70
C CYS B 80 -2.89 11.00 -11.22
C CYS B 80 -2.89 11.00 -11.22
N LEU B 81 -2.01 10.62 -10.28
CA LEU B 81 -0.62 10.20 -10.59
C LEU B 81 -0.57 8.91 -11.44
N LYS B 82 -1.51 8.01 -11.25
CA LYS B 82 -1.59 6.78 -12.04
C LYS B 82 -1.90 7.15 -13.50
N LYS B 83 -2.85 8.06 -13.72
CA LYS B 83 -3.18 8.54 -15.06
C LYS B 83 -1.98 9.25 -15.70
N PHE B 84 -1.27 10.12 -14.94
CA PHE B 84 -0.11 10.87 -15.41
C PHE B 84 1.04 9.93 -15.79
N LYS B 85 1.23 8.87 -14.99
CA LYS B 85 2.27 7.86 -15.19
C LYS B 85 2.01 7.09 -16.46
N ASP B 86 0.75 6.69 -16.67
CA ASP B 86 0.34 5.91 -17.84
C ASP B 86 0.40 6.72 -19.14
N GLU B 87 -0.04 7.98 -19.09
CA GLU B 87 -0.06 8.86 -20.26
C GLU B 87 1.35 9.19 -20.75
N ASN B 88 2.31 9.36 -19.82
CA ASN B 88 3.69 9.71 -20.10
C ASN B 88 4.63 8.50 -20.17
N ARG B 89 4.08 7.29 -19.94
CA ARG B 89 4.77 5.99 -19.95
C ARG B 89 6.03 6.00 -19.07
N LEU B 90 5.90 6.54 -17.85
CA LEU B 90 7.01 6.65 -16.89
C LEU B 90 7.24 5.31 -16.23
N ALA B 91 8.49 4.84 -16.24
CA ALA B 91 8.83 3.54 -15.66
C ALA B 91 8.97 3.58 -14.14
N PHE B 92 9.13 4.78 -13.57
CA PHE B 92 9.36 4.94 -12.13
C PHE B 92 8.10 5.27 -11.34
N ASN B 93 8.24 5.27 -10.02
CA ASN B 93 7.15 5.54 -9.11
C ASN B 93 6.85 7.02 -9.00
N LEU B 94 5.56 7.33 -8.86
CA LEU B 94 5.05 8.68 -8.64
C LEU B 94 4.40 8.59 -7.29
N LEU B 95 4.80 9.48 -6.39
CA LEU B 95 4.34 9.42 -5.02
C LEU B 95 3.46 10.58 -4.70
N SER B 96 2.45 10.33 -3.88
CA SER B 96 1.48 11.33 -3.53
C SER B 96 1.76 11.94 -2.18
N ASP B 97 2.10 13.24 -2.14
CA ASP B 97 2.26 13.92 -0.87
C ASP B 97 0.97 14.70 -0.57
N TYR B 98 -0.14 14.02 -0.78
CA TYR B 98 -1.48 14.57 -0.61
C TYR B 98 -1.66 15.34 0.69
N ASN B 99 -1.06 14.84 1.80
CA ASN B 99 -1.18 15.44 3.13
C ASN B 99 -0.16 16.50 3.42
N ARG B 100 0.67 16.85 2.40
CA ARG B 100 1.69 17.91 2.40
C ARG B 100 2.77 17.79 3.46
N GLU B 101 3.03 16.57 3.99
CA GLU B 101 4.07 16.42 5.00
C GLU B 101 5.47 16.47 4.41
N VAL B 102 5.69 15.80 3.26
CA VAL B 102 7.01 15.72 2.62
C VAL B 102 7.51 17.04 2.08
N ILE B 103 6.61 17.87 1.48
CA ILE B 103 6.99 19.20 0.99
C ILE B 103 7.40 20.13 2.15
N LYS B 104 6.79 19.96 3.33
CA LYS B 104 7.10 20.75 4.53
C LYS B 104 8.47 20.32 5.05
N LEU B 105 8.70 18.99 5.12
CA LEU B 105 9.94 18.31 5.51
C LEU B 105 11.12 18.77 4.62
N TYR B 106 10.94 18.76 3.29
CA TYR B 106 12.00 19.18 2.37
C TYR B 106 12.01 20.68 2.06
N ASN B 107 11.07 21.45 2.69
CA ASN B 107 10.94 22.91 2.53
C ASN B 107 10.86 23.31 1.05
N VAL B 108 9.99 22.63 0.27
CA VAL B 108 9.81 22.86 -1.17
C VAL B 108 8.32 23.07 -1.45
N TYR B 109 7.77 24.16 -0.90
CA TYR B 109 6.35 24.46 -1.08
C TYR B 109 6.04 25.89 -1.40
N HIS B 110 4.96 26.09 -2.18
CA HIS B 110 4.40 27.39 -2.51
C HIS B 110 3.24 27.52 -1.52
N GLU B 111 3.23 28.60 -0.73
CA GLU B 111 2.17 28.87 0.24
C GLU B 111 0.83 29.10 -0.49
N ASP B 112 0.90 29.73 -1.68
CA ASP B 112 -0.26 30.01 -2.54
C ASP B 112 0.20 30.12 -3.99
N LEU B 113 -0.36 29.29 -4.87
CA LEU B 113 -0.05 29.34 -6.29
C LEU B 113 -1.38 29.41 -7.00
N LYS B 114 -1.68 30.52 -7.69
CA LYS B 114 -2.97 30.72 -8.42
C LYS B 114 -4.20 30.49 -7.50
N GLY B 115 -4.12 30.89 -6.23
CA GLY B 115 -5.17 30.68 -5.22
C GLY B 115 -5.22 29.27 -4.61
N LEU B 116 -4.36 28.34 -5.08
CA LEU B 116 -4.22 26.96 -4.60
C LEU B 116 -3.17 26.95 -3.48
N LYS B 117 -3.56 26.58 -2.23
CA LYS B 117 -2.66 26.58 -1.09
C LYS B 117 -1.78 25.34 -0.93
N MET B 118 -0.53 25.55 -0.50
CA MET B 118 0.45 24.48 -0.20
C MET B 118 0.72 23.50 -1.35
N VAL B 119 1.22 24.01 -2.46
CA VAL B 119 1.54 23.20 -3.65
C VAL B 119 3.06 23.01 -3.63
N ALA B 120 3.58 21.89 -4.16
CA ALA B 120 5.03 21.65 -4.19
C ALA B 120 5.68 22.59 -5.18
N LYS B 121 6.93 23.00 -4.89
CA LYS B 121 7.78 23.79 -5.78
C LYS B 121 8.45 22.78 -6.71
N ARG B 122 8.92 23.21 -7.89
CA ARG B 122 9.75 22.32 -8.69
C ARG B 122 11.12 22.28 -8.02
N ALA B 123 11.54 21.09 -7.61
CA ALA B 123 12.79 20.90 -6.90
C ALA B 123 13.30 19.51 -7.22
N VAL B 124 14.62 19.36 -7.13
CA VAL B 124 15.34 18.11 -7.41
C VAL B 124 16.39 17.93 -6.30
N PHE B 125 16.42 16.75 -5.68
CA PHE B 125 17.46 16.35 -4.71
C PHE B 125 17.99 15.02 -5.19
N ILE B 126 19.31 14.86 -5.19
CA ILE B 126 19.94 13.57 -5.48
C ILE B 126 20.52 13.15 -4.13
N VAL B 127 20.09 11.98 -3.65
CA VAL B 127 20.43 11.42 -2.34
C VAL B 127 21.25 10.14 -2.53
N LYS B 128 22.41 10.09 -1.88
CA LYS B 128 23.30 8.91 -1.92
C LYS B 128 22.70 7.75 -1.11
N PRO B 129 23.10 6.48 -1.38
CA PRO B 129 22.62 5.35 -0.54
C PRO B 129 22.76 5.56 0.98
N ASP B 130 23.81 6.28 1.44
CA ASP B 130 24.01 6.59 2.87
C ASP B 130 23.07 7.74 3.38
N GLY B 131 22.30 8.36 2.47
CA GLY B 131 21.34 9.41 2.81
C GLY B 131 21.85 10.82 2.62
N THR B 132 23.11 10.98 2.19
CA THR B 132 23.70 12.29 1.98
C THR B 132 23.11 12.94 0.74
N VAL B 133 22.69 14.21 0.88
CA VAL B 133 22.17 15.03 -0.21
C VAL B 133 23.39 15.46 -1.02
N ALA B 134 23.59 14.89 -2.22
CA ALA B 134 24.76 15.24 -3.05
C ALA B 134 24.43 16.26 -4.15
N TYR B 135 23.15 16.58 -4.36
CA TYR B 135 22.73 17.58 -5.37
C TYR B 135 21.39 18.17 -4.95
N LYS B 136 21.24 19.51 -5.05
CA LYS B 136 20.04 20.21 -4.65
C LYS B 136 19.76 21.38 -5.61
N TRP B 137 18.57 21.40 -6.20
CA TRP B 137 18.11 22.44 -7.11
C TRP B 137 16.67 22.75 -6.75
N VAL B 138 16.34 24.04 -6.51
CA VAL B 138 14.99 24.51 -6.16
C VAL B 138 14.73 25.78 -6.94
N THR B 139 13.48 25.93 -7.43
CA THR B 139 13.07 27.14 -8.11
C THR B 139 11.76 27.64 -7.52
N ASP B 140 11.63 28.96 -7.45
CA ASP B 140 10.43 29.64 -6.99
C ASP B 140 9.50 29.87 -8.18
N ASN B 141 9.97 29.55 -9.42
CA ASN B 141 9.15 29.65 -10.63
C ASN B 141 8.47 28.29 -10.90
N PRO B 142 7.15 28.11 -10.67
CA PRO B 142 6.52 26.78 -10.88
C PRO B 142 6.48 26.26 -12.32
N LEU B 143 6.72 27.13 -13.29
CA LEU B 143 6.76 26.80 -14.71
C LEU B 143 8.17 26.43 -15.18
N ASN B 144 9.19 26.66 -14.33
CA ASN B 144 10.58 26.41 -14.65
C ASN B 144 10.93 24.93 -14.43
N GLU B 145 10.83 24.14 -15.49
CA GLU B 145 11.15 22.70 -15.47
C GLU B 145 12.66 22.50 -15.32
N PRO B 146 13.16 21.56 -14.49
CA PRO B 146 14.62 21.35 -14.43
C PRO B 146 15.20 20.80 -15.74
N ASP B 147 16.51 20.98 -15.93
CA ASP B 147 17.22 20.46 -17.10
C ASP B 147 17.46 18.99 -16.77
N TYR B 148 16.56 18.09 -17.25
CA TYR B 148 16.64 16.65 -16.96
C TYR B 148 17.95 15.95 -17.39
N ASP B 149 18.56 16.38 -18.52
CA ASP B 149 19.83 15.80 -19.00
C ASP B 149 21.02 16.14 -18.09
N GLU B 150 20.99 17.32 -17.44
CA GLU B 150 21.99 17.71 -16.45
C GLU B 150 21.78 16.88 -15.17
N VAL B 151 20.49 16.65 -14.76
CA VAL B 151 20.14 15.84 -13.58
C VAL B 151 20.70 14.43 -13.77
N VAL B 152 20.47 13.82 -14.97
CA VAL B 152 20.96 12.49 -15.36
C VAL B 152 22.49 12.49 -15.27
N ARG B 153 23.13 13.56 -15.76
CA ARG B 153 24.59 13.73 -15.75
C ARG B 153 25.12 13.74 -14.29
N GLU B 154 24.49 14.53 -13.40
CA GLU B 154 24.82 14.62 -11.97
C GLU B 154 24.55 13.31 -11.25
N ALA B 155 23.43 12.62 -11.56
CA ALA B 155 23.06 11.34 -10.91
C ALA B 155 24.05 10.23 -11.28
N ASN B 156 24.46 10.16 -12.56
CA ASN B 156 25.44 9.17 -13.03
C ASN B 156 26.80 9.36 -12.40
N LYS B 157 27.20 10.64 -12.17
CA LYS B 157 28.48 11.03 -11.52
C LYS B 157 28.47 10.63 -10.03
N ILE B 158 27.33 10.87 -9.32
CA ILE B 158 27.14 10.53 -7.89
C ILE B 158 27.15 9.01 -7.75
N ALA B 159 26.46 8.31 -8.70
CA ALA B 159 26.42 6.85 -8.78
C ALA B 159 27.82 6.27 -9.07
N GLY B 160 28.60 6.96 -9.90
CA GLY B 160 29.96 6.57 -10.27
C GLY B 160 30.96 6.72 -9.13
N GLU B 161 30.76 7.74 -8.26
CA GLU B 161 31.59 8.00 -7.08
C GLU B 161 31.43 6.93 -6.01
N LEU B 162 30.29 6.20 -6.04
CA LEU B 162 29.98 5.14 -5.07
C LEU B 162 31.01 4.01 -5.07
N VAL B 163 31.80 3.95 -3.99
CA VAL B 163 32.88 2.97 -3.77
C VAL B 163 32.33 1.80 -2.94
N GLY C 3 12.92 -8.65 32.01
CA GLY C 3 12.74 -9.05 30.62
C GLY C 3 13.80 -8.54 29.66
N LEU C 4 14.95 -8.06 30.21
CA LEU C 4 16.08 -7.54 29.44
C LEU C 4 17.24 -8.54 29.47
N VAL C 5 17.75 -8.89 28.28
CA VAL C 5 18.88 -9.82 28.10
C VAL C 5 20.24 -9.05 28.02
N GLU C 6 20.76 -8.67 29.20
CA GLU C 6 21.99 -7.88 29.36
C GLU C 6 23.28 -8.71 29.15
N LEU C 7 24.40 -8.02 28.84
CA LEU C 7 25.71 -8.64 28.64
C LEU C 7 26.23 -9.18 29.91
N GLY C 8 26.71 -10.41 29.85
CA GLY C 8 27.25 -11.11 31.01
C GLY C 8 26.17 -11.87 31.77
N GLU C 9 24.91 -11.55 31.50
CA GLU C 9 23.73 -12.18 32.08
C GLU C 9 23.52 -13.55 31.37
N LYS C 10 22.80 -14.48 32.01
CA LYS C 10 22.52 -15.76 31.37
C LYS C 10 21.40 -15.58 30.34
N ALA C 11 21.62 -16.13 29.14
CA ALA C 11 20.65 -16.07 28.07
C ALA C 11 19.45 -16.96 28.44
N PRO C 12 18.21 -16.43 28.38
CA PRO C 12 17.03 -17.27 28.70
C PRO C 12 16.92 -18.50 27.79
N ASP C 13 16.63 -19.67 28.35
CA ASP C 13 16.49 -20.87 27.56
C ASP C 13 15.19 -20.81 26.78
N PHE C 14 15.15 -21.52 25.64
CA PHE C 14 13.96 -21.62 24.82
C PHE C 14 14.02 -22.87 24.00
N THR C 15 12.86 -23.30 23.50
CA THR C 15 12.69 -24.41 22.58
C THR C 15 11.84 -23.91 21.42
N LEU C 16 12.33 -24.08 20.19
CA LEU C 16 11.58 -23.66 19.01
C LEU C 16 11.66 -24.73 17.93
N PRO C 17 10.61 -24.94 17.11
CA PRO C 17 10.76 -25.90 16.01
C PRO C 17 11.67 -25.29 14.91
N ASN C 18 12.50 -26.10 14.28
CA ASN C 18 13.30 -25.60 13.18
C ASN C 18 12.44 -25.74 11.90
N GLN C 19 13.04 -25.50 10.71
CA GLN C 19 12.39 -25.57 9.39
C GLN C 19 11.82 -26.95 9.06
N ASP C 20 12.34 -28.02 9.69
CA ASP C 20 11.85 -29.39 9.45
C ASP C 20 10.99 -29.83 10.64
N PHE C 21 10.48 -28.89 11.46
CA PHE C 21 9.65 -29.17 12.65
C PHE C 21 10.34 -29.91 13.79
N GLU C 22 11.69 -29.84 13.87
CA GLU C 22 12.43 -30.53 14.94
C GLU C 22 12.67 -29.56 16.10
N PRO C 23 12.34 -29.92 17.35
CA PRO C 23 12.60 -28.99 18.46
C PRO C 23 14.09 -28.76 18.69
N VAL C 24 14.46 -27.49 18.82
CA VAL C 24 15.84 -27.10 19.06
C VAL C 24 15.80 -26.30 20.35
N ASN C 25 16.58 -26.71 21.34
CA ASN C 25 16.65 -26.11 22.65
C ASN C 25 18.03 -25.48 22.77
N LEU C 26 18.07 -24.19 23.13
CA LEU C 26 19.32 -23.44 23.29
C LEU C 26 20.31 -24.12 24.23
N TYR C 27 19.87 -24.48 25.44
CA TYR C 27 20.73 -25.14 26.44
C TYR C 27 21.31 -26.47 25.99
N GLU C 28 20.52 -27.32 25.27
CA GLU C 28 21.03 -28.57 24.69
C GLU C 28 22.13 -28.26 23.66
N VAL C 29 21.95 -27.19 22.82
CA VAL C 29 22.95 -26.73 21.86
C VAL C 29 24.24 -26.32 22.61
N LEU C 30 24.10 -25.52 23.68
CA LEU C 30 25.26 -25.03 24.46
C LEU C 30 26.02 -26.15 25.15
N LYS C 31 25.33 -27.25 25.49
CA LYS C 31 25.95 -28.43 26.12
C LYS C 31 27.00 -29.10 25.20
N ARG C 32 26.97 -28.81 23.88
CA ARG C 32 27.92 -29.29 22.86
C ARG C 32 29.30 -28.66 23.02
N GLY C 33 29.39 -27.52 23.71
CA GLY C 33 30.66 -26.88 24.00
C GLY C 33 31.13 -25.79 23.04
N ARG C 34 30.25 -25.33 22.17
CA ARG C 34 30.59 -24.28 21.21
C ARG C 34 29.66 -23.08 21.42
N PRO C 35 30.12 -21.83 21.21
CA PRO C 35 29.19 -20.68 21.34
C PRO C 35 28.02 -20.76 20.34
N ALA C 36 26.89 -20.13 20.69
CA ALA C 36 25.72 -20.07 19.83
C ALA C 36 25.61 -18.62 19.32
N VAL C 37 25.34 -18.48 18.02
CA VAL C 37 25.11 -17.20 17.38
C VAL C 37 23.62 -17.19 17.06
N LEU C 38 22.85 -16.32 17.75
CA LEU C 38 21.42 -16.15 17.53
C LEU C 38 21.22 -14.95 16.62
N ILE C 39 20.61 -15.17 15.44
CA ILE C 39 20.37 -14.14 14.44
C ILE C 39 18.86 -13.95 14.32
N PHE C 40 18.32 -12.86 14.87
CA PHE C 40 16.90 -12.59 14.74
C PHE C 40 16.70 -11.77 13.49
N PHE C 41 15.64 -12.06 12.74
CA PHE C 41 15.38 -11.23 11.55
C PHE C 41 13.89 -11.05 11.37
N PRO C 42 13.46 -9.87 10.90
CA PRO C 42 12.03 -9.60 10.69
C PRO C 42 11.29 -10.55 9.73
N ALA C 43 11.84 -10.83 8.53
CA ALA C 43 11.01 -11.58 7.60
C ALA C 43 11.72 -12.34 6.52
N ALA C 44 11.43 -13.66 6.40
CA ALA C 44 11.94 -14.49 5.30
C ALA C 44 11.49 -13.87 3.96
N PHE C 45 12.35 -13.92 2.93
CA PHE C 45 12.08 -13.41 1.57
C PHE C 45 12.01 -11.90 1.46
N SER C 46 12.34 -11.17 2.53
CA SER C 46 12.40 -9.71 2.43
C SER C 46 13.80 -9.37 1.90
N PRO C 47 13.99 -8.21 1.24
CA PRO C 47 15.34 -7.87 0.69
C PRO C 47 16.52 -7.90 1.66
N VAL C 48 16.44 -7.18 2.80
CA VAL C 48 17.53 -7.12 3.78
C VAL C 48 17.79 -8.45 4.49
N CYS C 49 16.71 -9.20 4.84
CA CYS C 49 16.87 -10.49 5.51
C CYS C 49 17.53 -11.48 4.58
N THR C 50 17.18 -11.47 3.28
CA THR C 50 17.81 -12.38 2.32
C THR C 50 19.31 -12.02 2.24
N LYS C 51 19.63 -10.71 2.14
CA LYS C 51 21.03 -10.22 2.08
C LYS C 51 21.78 -10.63 3.32
N GLU C 52 21.18 -10.41 4.50
CA GLU C 52 21.80 -10.78 5.79
C GLU C 52 22.11 -12.29 5.88
N LEU C 53 21.12 -13.16 5.64
CA LEU C 53 21.38 -14.61 5.76
C LEU C 53 22.35 -15.16 4.71
N CYS C 54 22.31 -14.60 3.48
CA CYS C 54 23.25 -14.96 2.42
C CYS C 54 24.71 -14.50 2.72
N THR C 55 24.89 -13.38 3.45
CA THR C 55 26.21 -12.87 3.81
C THR C 55 26.83 -13.79 4.89
N PHE C 56 25.99 -14.25 5.84
CA PHE C 56 26.44 -15.17 6.89
C PHE C 56 26.78 -16.54 6.24
N ARG C 57 26.03 -16.93 5.21
CA ARG C 57 26.29 -18.16 4.45
C ARG C 57 27.67 -18.08 3.76
N ASP C 58 27.98 -16.93 3.13
CA ASP C 58 29.25 -16.71 2.41
C ASP C 58 30.47 -16.65 3.34
N LYS C 59 30.21 -16.46 4.65
CA LYS C 59 31.20 -16.40 5.71
C LYS C 59 31.08 -17.60 6.67
N MET C 60 30.43 -18.70 6.21
CA MET C 60 30.21 -19.91 7.00
C MET C 60 31.51 -20.59 7.38
N ALA C 61 32.47 -20.66 6.43
CA ALA C 61 33.80 -21.27 6.61
C ALA C 61 34.56 -20.59 7.75
N GLN C 62 34.43 -19.24 7.86
CA GLN C 62 35.05 -18.44 8.91
C GLN C 62 34.35 -18.67 10.24
N LEU C 63 33.03 -18.93 10.22
CA LEU C 63 32.23 -19.23 11.41
C LEU C 63 32.49 -20.66 11.90
N GLU C 64 32.72 -21.61 10.97
N GLU C 64 32.73 -21.60 10.96
CA GLU C 64 32.97 -23.02 11.30
CA GLU C 64 33.00 -23.02 11.20
C GLU C 64 34.39 -23.27 11.85
C GLU C 64 34.39 -23.28 11.79
N LYS C 65 35.27 -22.24 11.78
CA LYS C 65 36.62 -22.26 12.33
C LYS C 65 36.40 -22.21 13.85
N ALA C 66 35.55 -21.26 14.31
CA ALA C 66 35.13 -21.10 15.70
C ALA C 66 34.20 -22.23 16.13
N ASN C 67 33.87 -23.15 15.20
CA ASN C 67 32.98 -24.30 15.39
C ASN C 67 31.60 -23.89 15.96
N ALA C 68 31.26 -22.57 15.92
CA ALA C 68 30.02 -21.96 16.43
C ALA C 68 28.74 -22.49 15.82
N GLU C 69 27.68 -22.57 16.64
CA GLU C 69 26.36 -22.99 16.22
C GLU C 69 25.52 -21.75 15.85
N VAL C 70 25.08 -21.68 14.60
CA VAL C 70 24.28 -20.56 14.11
C VAL C 70 22.81 -20.93 14.15
N LEU C 71 22.01 -20.14 14.84
CA LEU C 71 20.56 -20.34 14.88
C LEU C 71 19.88 -19.06 14.42
N ALA C 72 19.27 -19.03 13.21
CA ALA C 72 18.58 -17.83 12.72
C ALA C 72 17.10 -17.92 13.12
N ILE C 73 16.51 -16.85 13.68
CA ILE C 73 15.14 -16.86 14.20
C ILE C 73 14.25 -15.76 13.65
N SER C 74 13.04 -16.13 13.17
CA SER C 74 12.03 -15.15 12.75
C SER C 74 10.66 -15.70 13.18
N VAL C 75 9.60 -14.89 13.01
CA VAL C 75 8.24 -15.30 13.36
C VAL C 75 7.56 -16.01 12.18
N ASP C 76 8.28 -16.25 11.07
CA ASP C 76 7.71 -16.97 9.91
C ASP C 76 7.42 -18.45 10.24
N SER C 77 6.47 -19.13 9.53
CA SER C 77 6.21 -20.53 9.84
C SER C 77 7.43 -21.41 9.47
N PRO C 78 7.58 -22.63 10.04
CA PRO C 78 8.69 -23.49 9.61
C PRO C 78 8.62 -23.83 8.11
N TRP C 79 7.41 -23.90 7.51
CA TRP C 79 7.22 -24.18 6.07
C TRP C 79 7.85 -23.06 5.22
N CYS C 80 7.61 -21.77 5.58
N CYS C 80 7.61 -21.78 5.53
CA CYS C 80 8.19 -20.60 4.92
CA CYS C 80 8.26 -20.74 4.73
C CYS C 80 9.70 -20.59 5.11
C CYS C 80 9.77 -20.64 5.06
N LEU C 81 10.16 -20.93 6.33
CA LEU C 81 11.58 -20.98 6.70
C LEU C 81 12.32 -22.12 5.96
N LYS C 82 11.67 -23.27 5.74
CA LYS C 82 12.24 -24.39 4.99
C LYS C 82 12.54 -23.98 3.54
N LYS C 83 11.58 -23.35 2.86
CA LYS C 83 11.70 -22.88 1.48
C LYS C 83 12.83 -21.83 1.39
N PHE C 84 12.90 -20.95 2.38
CA PHE C 84 13.89 -19.88 2.46
C PHE C 84 15.30 -20.45 2.67
N LYS C 85 15.42 -21.52 3.46
CA LYS C 85 16.71 -22.18 3.72
C LYS C 85 17.18 -22.89 2.43
N ASP C 86 16.28 -23.59 1.76
CA ASP C 86 16.57 -24.30 0.52
C ASP C 86 16.96 -23.39 -0.65
N GLU C 87 16.18 -22.31 -0.89
N GLU C 87 16.18 -22.31 -0.89
CA GLU C 87 16.42 -21.34 -1.97
CA GLU C 87 16.41 -21.33 -1.96
C GLU C 87 17.78 -20.67 -1.86
C GLU C 87 17.78 -20.67 -1.86
N ASN C 88 18.22 -20.33 -0.63
CA ASN C 88 19.48 -19.66 -0.38
C ASN C 88 20.65 -20.56 -0.02
N ARG C 89 20.41 -21.89 0.11
CA ARG C 89 21.41 -22.89 0.46
C ARG C 89 21.98 -22.53 1.85
N LEU C 90 21.12 -22.11 2.79
CA LEU C 90 21.59 -21.77 4.14
C LEU C 90 22.01 -23.03 4.86
N ALA C 91 23.26 -23.14 5.28
CA ALA C 91 23.75 -24.37 5.94
C ALA C 91 23.67 -24.34 7.48
N PHE C 92 22.58 -23.77 8.03
CA PHE C 92 22.33 -23.68 9.48
C PHE C 92 20.81 -23.71 9.71
N ASN C 93 20.35 -23.96 10.96
CA ASN C 93 18.92 -24.04 11.33
C ASN C 93 18.22 -22.68 11.42
N LEU C 94 17.02 -22.60 10.81
CA LEU C 94 16.12 -21.42 10.90
C LEU C 94 15.05 -21.90 11.87
N LEU C 95 14.73 -21.12 12.91
CA LEU C 95 13.80 -21.50 13.98
C LEU C 95 12.61 -20.60 13.92
N SER C 96 11.38 -21.17 14.06
CA SER C 96 10.16 -20.38 14.01
C SER C 96 9.71 -19.97 15.39
N ASP C 97 9.60 -18.66 15.60
CA ASP C 97 9.06 -18.06 16.82
C ASP C 97 7.67 -17.53 16.46
N TYR C 98 6.90 -18.39 15.82
CA TYR C 98 5.56 -18.10 15.35
C TYR C 98 4.66 -17.50 16.41
N ASN C 99 4.81 -17.95 17.66
CA ASN C 99 3.94 -17.55 18.78
C ASN C 99 4.49 -16.38 19.60
N ARG C 100 5.61 -15.77 19.12
CA ARG C 100 6.24 -14.58 19.69
C ARG C 100 6.81 -14.69 21.08
N GLU C 101 7.05 -15.90 21.55
CA GLU C 101 7.60 -16.13 22.88
C GLU C 101 9.08 -15.71 22.97
N VAL C 102 9.90 -16.13 22.01
CA VAL C 102 11.35 -15.88 22.02
C VAL C 102 11.74 -14.40 21.84
N ILE C 103 11.04 -13.68 20.95
CA ILE C 103 11.29 -12.25 20.70
C ILE C 103 10.93 -11.41 21.90
N LYS C 104 9.83 -11.76 22.61
CA LYS C 104 9.41 -11.12 23.86
C LYS C 104 10.46 -11.39 24.97
N LEU C 105 11.00 -12.63 25.00
CA LEU C 105 12.03 -13.10 25.95
C LEU C 105 13.36 -12.39 25.75
N TYR C 106 13.78 -12.22 24.49
CA TYR C 106 15.03 -11.54 24.16
C TYR C 106 14.84 -10.02 23.96
N ASN C 107 13.60 -9.53 24.16
CA ASN C 107 13.17 -8.13 24.01
C ASN C 107 13.62 -7.55 22.66
N VAL C 108 13.29 -8.28 21.56
CA VAL C 108 13.70 -7.91 20.20
C VAL C 108 12.51 -7.95 19.28
N TYR C 109 11.56 -7.05 19.51
CA TYR C 109 10.37 -7.03 18.67
C TYR C 109 9.98 -5.63 18.27
N HIS C 110 9.33 -5.53 17.09
CA HIS C 110 8.74 -4.32 16.58
C HIS C 110 7.24 -4.44 16.87
N GLU C 111 6.69 -3.48 17.62
CA GLU C 111 5.26 -3.46 17.89
C GLU C 111 4.55 -3.41 16.55
N ASP C 112 5.11 -2.67 15.57
CA ASP C 112 4.53 -2.52 14.23
C ASP C 112 5.60 -2.26 13.18
N LEU C 113 5.62 -3.07 12.14
CA LEU C 113 6.56 -2.86 11.06
C LEU C 113 5.75 -2.93 9.76
N LYS C 114 5.56 -1.79 9.06
CA LYS C 114 4.82 -1.75 7.79
C LYS C 114 3.36 -2.26 7.98
N GLY C 115 2.80 -2.06 9.16
CA GLY C 115 1.45 -2.50 9.50
C GLY C 115 1.35 -3.94 10.02
N LEU C 116 2.49 -4.66 10.10
CA LEU C 116 2.59 -6.04 10.60
C LEU C 116 2.98 -6.01 12.07
N LYS C 117 2.13 -6.57 12.92
CA LYS C 117 2.34 -6.51 14.35
C LYS C 117 3.24 -7.58 14.91
N MET C 118 4.11 -7.18 15.85
CA MET C 118 5.00 -8.06 16.60
C MET C 118 5.89 -8.91 15.71
N VAL C 119 6.75 -8.22 14.97
CA VAL C 119 7.74 -8.81 14.07
C VAL C 119 9.04 -8.75 14.85
N ALA C 120 9.97 -9.68 14.61
CA ALA C 120 11.28 -9.64 15.30
C ALA C 120 12.10 -8.44 14.81
N LYS C 121 12.91 -7.84 15.69
CA LYS C 121 13.86 -6.81 15.30
C LYS C 121 15.04 -7.56 14.75
N ARG C 122 15.88 -6.94 13.91
CA ARG C 122 17.10 -7.56 13.44
C ARG C 122 18.07 -7.42 14.62
N ALA C 123 18.61 -8.52 15.09
CA ALA C 123 19.45 -8.54 16.27
C ALA C 123 20.40 -9.72 16.16
N VAL C 124 21.54 -9.63 16.84
CA VAL C 124 22.54 -10.70 16.88
C VAL C 124 23.01 -10.81 18.32
N PHE C 125 22.97 -12.01 18.87
CA PHE C 125 23.49 -12.30 20.20
C PHE C 125 24.48 -13.45 20.04
N ILE C 126 25.61 -13.38 20.76
CA ILE C 126 26.57 -14.49 20.83
C ILE C 126 26.51 -14.95 22.28
N VAL C 127 26.19 -16.24 22.49
CA VAL C 127 26.04 -16.86 23.81
C VAL C 127 27.14 -17.90 23.97
N LYS C 128 27.86 -17.83 25.09
CA LYS C 128 28.96 -18.74 25.40
C LYS C 128 28.43 -20.10 25.87
N PRO C 129 29.20 -21.20 25.74
CA PRO C 129 28.68 -22.50 26.20
C PRO C 129 28.14 -22.52 27.63
N ASP C 130 28.63 -21.62 28.51
CA ASP C 130 28.13 -21.53 29.90
C ASP C 130 26.82 -20.71 30.01
N GLY C 131 26.33 -20.21 28.88
CA GLY C 131 25.08 -19.46 28.79
C GLY C 131 25.15 -17.95 28.94
N THR C 132 26.36 -17.39 29.20
CA THR C 132 26.50 -15.93 29.37
C THR C 132 26.45 -15.24 28.00
N VAL C 133 25.75 -14.11 27.92
CA VAL C 133 25.62 -13.33 26.66
C VAL C 133 26.92 -12.57 26.51
N ALA C 134 27.68 -12.84 25.43
CA ALA C 134 28.97 -12.17 25.25
C ALA C 134 28.95 -11.04 24.22
N TYR C 135 27.89 -10.94 23.44
CA TYR C 135 27.75 -9.92 22.40
C TYR C 135 26.25 -9.68 22.17
N LYS C 136 25.83 -8.42 22.03
CA LYS C 136 24.43 -8.06 21.81
C LYS C 136 24.36 -6.91 20.86
N TRP C 137 23.75 -7.15 19.70
CA TRP C 137 23.54 -6.11 18.69
C TRP C 137 22.05 -6.08 18.37
N VAL C 138 21.37 -4.94 18.59
CA VAL C 138 19.91 -4.75 18.32
C VAL C 138 19.68 -3.42 17.63
N THR C 139 19.05 -3.46 16.44
CA THR C 139 18.72 -2.21 15.75
C THR C 139 17.19 -1.98 15.71
N ASP C 140 16.75 -0.72 15.92
CA ASP C 140 15.37 -0.25 15.84
C ASP C 140 14.99 0.03 14.38
N ASN C 141 16.01 0.08 13.47
CA ASN C 141 15.81 0.27 12.03
C ASN C 141 16.17 -1.05 11.34
N PRO C 142 15.19 -1.85 10.83
CA PRO C 142 15.54 -3.14 10.22
C PRO C 142 16.36 -3.11 8.93
N LEU C 143 16.53 -1.94 8.34
CA LEU C 143 17.38 -1.80 7.15
C LEU C 143 18.86 -1.92 7.54
N ASN C 144 19.22 -1.64 8.81
CA ASN C 144 20.61 -1.78 9.24
C ASN C 144 20.99 -3.25 9.32
N GLU C 145 22.20 -3.58 8.89
CA GLU C 145 22.77 -4.92 8.91
C GLU C 145 23.76 -5.02 10.05
N PRO C 146 24.01 -6.22 10.64
CA PRO C 146 25.04 -6.31 11.68
C PRO C 146 26.43 -6.17 11.04
N ASP C 147 27.44 -5.94 11.87
CA ASP C 147 28.82 -5.90 11.42
C ASP C 147 29.26 -7.38 11.37
N TYR C 148 29.07 -8.05 10.20
CA TYR C 148 29.36 -9.48 10.00
C TYR C 148 30.74 -9.91 10.44
N ASP C 149 31.79 -9.22 9.96
CA ASP C 149 33.19 -9.51 10.29
C ASP C 149 33.47 -9.48 11.76
N GLU C 150 32.85 -8.53 12.49
CA GLU C 150 32.97 -8.43 13.95
C GLU C 150 32.21 -9.58 14.65
N VAL C 151 31.05 -10.01 14.11
CA VAL C 151 30.29 -11.13 14.72
C VAL C 151 31.16 -12.37 14.63
N VAL C 152 31.69 -12.65 13.44
CA VAL C 152 32.56 -13.80 13.17
C VAL C 152 33.84 -13.73 14.03
N ARG C 153 34.46 -12.53 14.12
CA ARG C 153 35.67 -12.28 14.94
C ARG C 153 35.40 -12.57 16.41
N GLU C 154 34.28 -12.03 16.98
CA GLU C 154 33.89 -12.25 18.38
C GLU C 154 33.56 -13.72 18.67
N ALA C 155 32.91 -14.41 17.72
CA ALA C 155 32.56 -15.83 17.90
C ALA C 155 33.84 -16.69 17.90
N ASN C 156 34.82 -16.35 17.04
CA ASN C 156 36.13 -17.01 16.95
C ASN C 156 36.97 -16.76 18.19
N LYS C 157 36.87 -15.52 18.74
CA LYS C 157 37.59 -15.11 19.95
C LYS C 157 37.10 -15.93 21.13
N ILE C 158 35.77 -16.18 21.23
CA ILE C 158 35.21 -17.05 22.29
C ILE C 158 35.77 -18.47 22.16
N ALA C 159 35.78 -19.01 20.94
CA ALA C 159 36.30 -20.35 20.63
C ALA C 159 37.75 -20.55 21.04
N GLY C 160 38.60 -19.57 20.73
CA GLY C 160 40.01 -19.58 21.07
C GLY C 160 40.24 -19.47 22.56
N GLU C 161 39.40 -18.66 23.24
CA GLU C 161 39.46 -18.47 24.70
C GLU C 161 39.04 -19.75 25.43
N LEU C 162 38.23 -20.61 24.76
CA LEU C 162 37.78 -21.92 25.29
C LEU C 162 38.91 -22.94 25.36
N VAL C 163 40.07 -22.65 24.72
CA VAL C 163 41.29 -23.48 24.71
C VAL C 163 42.37 -22.82 25.58
N GLY D 3 -23.03 24.99 9.25
CA GLY D 3 -22.66 23.67 8.73
C GLY D 3 -23.84 22.86 8.22
N LEU D 4 -25.08 23.22 8.68
CA LEU D 4 -26.33 22.56 8.29
C LEU D 4 -26.94 23.11 7.00
N VAL D 5 -27.22 22.17 6.09
CA VAL D 5 -27.73 22.41 4.74
C VAL D 5 -29.13 21.70 4.60
N GLU D 6 -30.11 22.24 5.33
CA GLU D 6 -31.45 21.69 5.39
C GLU D 6 -32.30 21.95 4.16
N LEU D 7 -33.15 20.95 3.82
CA LEU D 7 -34.06 21.08 2.68
C LEU D 7 -35.10 22.15 2.94
N GLY D 8 -35.31 23.03 1.97
CA GLY D 8 -36.26 24.15 2.09
C GLY D 8 -35.64 25.40 2.68
N GLU D 9 -34.32 25.32 2.98
CA GLU D 9 -33.49 26.40 3.53
C GLU D 9 -32.38 26.75 2.50
N LYS D 10 -31.85 28.01 2.58
CA LYS D 10 -30.82 28.52 1.66
C LYS D 10 -29.54 27.74 1.73
N ALA D 11 -28.99 27.47 0.54
CA ALA D 11 -27.73 26.77 0.32
C ALA D 11 -26.64 27.79 0.57
N PRO D 12 -25.53 27.48 1.29
CA PRO D 12 -24.48 28.49 1.45
C PRO D 12 -23.77 28.80 0.13
N ASP D 13 -23.53 30.09 -0.13
CA ASP D 13 -22.88 30.54 -1.34
C ASP D 13 -21.40 30.23 -1.28
N PHE D 14 -20.76 30.09 -2.46
CA PHE D 14 -19.34 29.85 -2.61
C PHE D 14 -18.85 30.29 -3.98
N THR D 15 -17.54 30.52 -4.08
CA THR D 15 -16.83 30.81 -5.30
C THR D 15 -15.64 29.85 -5.37
N LEU D 16 -15.53 29.11 -6.49
CA LEU D 16 -14.42 28.18 -6.74
C LEU D 16 -13.91 28.35 -8.17
N PRO D 17 -12.62 28.12 -8.46
CA PRO D 17 -12.19 28.13 -9.88
C PRO D 17 -12.69 26.83 -10.56
N ASN D 18 -13.02 26.92 -11.83
CA ASN D 18 -13.42 25.73 -12.57
C ASN D 18 -12.11 25.17 -13.15
N GLN D 19 -12.21 24.19 -14.07
CA GLN D 19 -11.06 23.51 -14.67
C GLN D 19 -10.14 24.45 -15.46
N ASP D 20 -10.59 25.69 -15.74
CA ASP D 20 -9.85 26.70 -16.47
C ASP D 20 -9.49 27.85 -15.58
N PHE D 21 -9.53 27.64 -14.24
CA PHE D 21 -9.20 28.69 -13.27
C PHE D 21 -10.15 29.90 -13.35
N GLU D 22 -11.31 29.75 -14.04
CA GLU D 22 -12.34 30.79 -14.18
C GLU D 22 -13.21 30.71 -12.93
N PRO D 23 -13.35 31.80 -12.15
CA PRO D 23 -14.17 31.73 -10.92
C PRO D 23 -15.65 31.52 -11.20
N VAL D 24 -16.25 30.55 -10.50
CA VAL D 24 -17.65 30.21 -10.65
C VAL D 24 -18.30 30.38 -9.28
N ASN D 25 -19.29 31.27 -9.21
CA ASN D 25 -20.03 31.61 -8.00
C ASN D 25 -21.42 30.98 -8.07
N LEU D 26 -21.83 30.24 -7.02
CA LEU D 26 -23.13 29.58 -6.99
C LEU D 26 -24.26 30.54 -7.25
N TYR D 27 -24.32 31.61 -6.46
CA TYR D 27 -25.39 32.60 -6.54
C TYR D 27 -25.48 33.30 -7.90
N GLU D 28 -24.34 33.57 -8.58
CA GLU D 28 -24.36 34.12 -9.94
C GLU D 28 -25.01 33.10 -10.91
N VAL D 29 -24.73 31.80 -10.72
CA VAL D 29 -25.32 30.73 -11.53
C VAL D 29 -26.84 30.67 -11.32
N LEU D 30 -27.29 30.72 -10.05
CA LEU D 30 -28.72 30.67 -9.73
C LEU D 30 -29.50 31.85 -10.25
N LYS D 31 -28.84 33.03 -10.30
CA LYS D 31 -29.37 34.29 -10.80
C LYS D 31 -29.83 34.20 -12.26
N ARG D 32 -29.29 33.22 -13.03
CA ARG D 32 -29.69 32.95 -14.42
C ARG D 32 -31.05 32.21 -14.49
N GLY D 33 -31.64 31.91 -13.33
CA GLY D 33 -32.96 31.29 -13.20
C GLY D 33 -32.99 29.81 -13.53
N ARG D 34 -31.87 29.13 -13.29
CA ARG D 34 -31.71 27.70 -13.56
C ARG D 34 -31.35 26.98 -12.26
N PRO D 35 -31.97 25.82 -11.92
CA PRO D 35 -31.52 25.08 -10.72
C PRO D 35 -30.08 24.56 -10.90
N ALA D 36 -29.33 24.39 -9.79
CA ALA D 36 -27.96 23.87 -9.85
C ALA D 36 -27.91 22.48 -9.26
N VAL D 37 -27.18 21.57 -9.92
CA VAL D 37 -26.98 20.21 -9.44
C VAL D 37 -25.52 20.20 -9.02
N LEU D 38 -25.27 20.13 -7.71
CA LEU D 38 -23.90 20.08 -7.21
C LEU D 38 -23.53 18.63 -6.98
N ILE D 39 -22.47 18.18 -7.66
CA ILE D 39 -21.96 16.82 -7.57
C ILE D 39 -20.57 16.79 -6.92
N PHE D 40 -20.52 16.45 -5.65
CA PHE D 40 -19.26 16.30 -4.93
C PHE D 40 -18.70 14.90 -5.17
N PHE D 41 -17.41 14.81 -5.47
CA PHE D 41 -16.83 13.49 -5.65
C PHE D 41 -15.42 13.43 -5.05
N PRO D 42 -15.04 12.28 -4.44
CA PRO D 42 -13.72 12.16 -3.81
C PRO D 42 -12.48 12.39 -4.68
N ALA D 43 -12.43 11.77 -5.85
CA ALA D 43 -11.19 11.87 -6.62
C ALA D 43 -11.32 11.63 -8.12
N ALA D 44 -10.87 12.59 -8.91
CA ALA D 44 -10.80 12.45 -10.35
C ALA D 44 -9.91 11.23 -10.73
N PHE D 45 -10.29 10.50 -11.80
CA PHE D 45 -9.57 9.31 -12.31
C PHE D 45 -9.72 8.05 -11.44
N SER D 46 -10.55 8.10 -10.37
CA SER D 46 -10.76 6.88 -9.58
C SER D 46 -11.90 6.09 -10.26
N PRO D 47 -12.02 4.76 -10.03
CA PRO D 47 -13.06 3.98 -10.73
C PRO D 47 -14.50 4.44 -10.60
N VAL D 48 -14.97 4.71 -9.36
CA VAL D 48 -16.36 5.12 -9.10
C VAL D 48 -16.66 6.53 -9.56
N CYS D 49 -15.73 7.48 -9.31
CA CYS D 49 -15.91 8.88 -9.74
C CYS D 49 -15.95 8.92 -11.27
N THR D 50 -15.12 8.11 -11.98
CA THR D 50 -15.14 8.09 -13.46
C THR D 50 -16.54 7.67 -13.93
N LYS D 51 -16.99 6.53 -13.40
CA LYS D 51 -18.31 5.95 -13.68
C LYS D 51 -19.43 6.98 -13.43
N GLU D 52 -19.43 7.59 -12.23
CA GLU D 52 -20.46 8.56 -11.87
C GLU D 52 -20.55 9.74 -12.82
N LEU D 53 -19.42 10.40 -13.08
CA LEU D 53 -19.45 11.56 -13.97
C LEU D 53 -19.82 11.23 -15.43
N CYS D 54 -19.37 10.06 -15.94
CA CYS D 54 -19.74 9.56 -17.26
C CYS D 54 -21.23 9.22 -17.34
N THR D 55 -21.84 8.69 -16.25
CA THR D 55 -23.28 8.38 -16.21
C THR D 55 -24.08 9.69 -16.32
N PHE D 56 -23.64 10.73 -15.59
CA PHE D 56 -24.27 12.05 -15.64
C PHE D 56 -24.11 12.69 -17.01
N ARG D 57 -22.95 12.47 -17.66
CA ARG D 57 -22.67 12.96 -19.01
C ARG D 57 -23.70 12.37 -20.01
N ASP D 58 -23.95 11.03 -19.90
CA ASP D 58 -24.88 10.26 -20.72
C ASP D 58 -26.35 10.67 -20.49
N LYS D 59 -26.61 11.45 -19.42
CA LYS D 59 -27.94 11.94 -19.06
C LYS D 59 -28.13 13.46 -19.27
N MET D 60 -27.09 14.14 -19.86
CA MET D 60 -27.11 15.59 -20.12
C MET D 60 -28.29 16.09 -20.96
N ALA D 61 -28.85 15.27 -21.88
CA ALA D 61 -30.03 15.63 -22.69
C ALA D 61 -31.29 15.77 -21.82
N GLN D 62 -31.34 14.98 -20.74
CA GLN D 62 -32.43 14.98 -19.77
C GLN D 62 -32.27 16.16 -18.79
N LEU D 63 -31.02 16.54 -18.49
CA LEU D 63 -30.76 17.69 -17.63
C LEU D 63 -30.87 19.03 -18.37
N GLU D 64 -30.61 19.04 -19.70
N GLU D 64 -30.60 19.03 -19.70
CA GLU D 64 -30.75 20.26 -20.49
CA GLU D 64 -30.72 20.20 -20.58
C GLU D 64 -32.22 20.55 -20.77
C GLU D 64 -32.21 20.53 -20.80
N LYS D 65 -33.09 19.52 -20.57
CA LYS D 65 -34.55 19.60 -20.68
C LYS D 65 -35.04 20.38 -19.46
N ALA D 66 -34.36 20.18 -18.30
CA ALA D 66 -34.62 20.86 -17.04
C ALA D 66 -33.89 22.20 -17.03
N ASN D 67 -32.98 22.41 -18.00
CA ASN D 67 -32.13 23.59 -18.17
C ASN D 67 -31.31 23.83 -16.87
N ALA D 68 -30.90 22.72 -16.22
CA ALA D 68 -30.12 22.70 -14.97
C ALA D 68 -28.65 22.96 -15.19
N GLU D 69 -28.00 23.64 -14.24
CA GLU D 69 -26.56 23.85 -14.31
C GLU D 69 -25.90 22.79 -13.42
N VAL D 70 -25.14 21.91 -14.03
CA VAL D 70 -24.43 20.85 -13.31
C VAL D 70 -23.04 21.34 -12.91
N LEU D 71 -22.72 21.28 -11.61
CA LEU D 71 -21.39 21.66 -11.13
C LEU D 71 -20.77 20.48 -10.36
N ALA D 72 -19.69 19.90 -10.88
CA ALA D 72 -19.05 18.76 -10.20
C ALA D 72 -17.85 19.31 -9.40
N ILE D 73 -17.74 18.96 -8.09
CA ILE D 73 -16.72 19.51 -7.18
C ILE D 73 -15.86 18.46 -6.50
N SER D 74 -14.52 18.58 -6.61
CA SER D 74 -13.62 17.70 -5.86
C SER D 74 -12.48 18.55 -5.37
N VAL D 75 -11.59 17.99 -4.54
CA VAL D 75 -10.39 18.70 -4.03
C VAL D 75 -9.21 18.62 -5.01
N ASP D 76 -9.38 17.97 -6.16
CA ASP D 76 -8.29 17.87 -7.15
C ASP D 76 -7.95 19.27 -7.76
N SER D 77 -6.73 19.48 -8.32
CA SER D 77 -6.36 20.77 -8.88
C SER D 77 -7.20 21.06 -10.14
N PRO D 78 -7.31 22.32 -10.60
CA PRO D 78 -8.01 22.56 -11.87
C PRO D 78 -7.31 21.87 -13.03
N TRP D 79 -5.98 21.68 -12.96
CA TRP D 79 -5.23 20.97 -14.01
C TRP D 79 -5.68 19.53 -14.17
N CYS D 80 -5.79 18.81 -13.04
N CYS D 80 -5.85 18.81 -13.01
CA CYS D 80 -6.28 17.44 -12.97
CA CYS D 80 -6.37 17.45 -12.89
C CYS D 80 -7.76 17.37 -13.46
C CYS D 80 -7.75 17.39 -13.47
N LEU D 81 -8.59 18.33 -13.02
CA LEU D 81 -10.00 18.44 -13.40
C LEU D 81 -10.14 18.67 -14.91
N LYS D 82 -9.24 19.49 -15.50
CA LYS D 82 -9.28 19.78 -16.93
C LYS D 82 -9.07 18.51 -17.74
N LYS D 83 -8.01 17.76 -17.42
CA LYS D 83 -7.66 16.49 -18.08
C LYS D 83 -8.82 15.49 -17.91
N PHE D 84 -9.40 15.45 -16.70
CA PHE D 84 -10.56 14.58 -16.41
C PHE D 84 -11.77 14.91 -17.25
N LYS D 85 -12.10 16.23 -17.37
CA LYS D 85 -13.21 16.72 -18.16
C LYS D 85 -12.96 16.39 -19.64
N ASP D 86 -11.74 16.62 -20.12
CA ASP D 86 -11.39 16.36 -21.51
C ASP D 86 -11.38 14.88 -21.91
N GLU D 87 -10.78 14.00 -21.06
N GLU D 87 -10.77 14.00 -21.07
CA GLU D 87 -10.68 12.55 -21.27
CA GLU D 87 -10.72 12.54 -21.30
C GLU D 87 -12.06 11.86 -21.37
C GLU D 87 -12.13 11.95 -21.49
N ASN D 88 -13.07 12.37 -20.63
CA ASN D 88 -14.43 11.86 -20.60
C ASN D 88 -15.47 12.70 -21.31
N ARG D 89 -15.08 13.85 -21.88
CA ARG D 89 -15.97 14.80 -22.58
C ARG D 89 -17.17 15.18 -21.69
N LEU D 90 -16.89 15.51 -20.41
CA LEU D 90 -17.94 15.95 -19.49
C LEU D 90 -18.46 17.33 -19.95
N ALA D 91 -19.68 17.40 -20.48
CA ALA D 91 -20.19 18.68 -20.99
C ALA D 91 -20.59 19.73 -19.90
N PHE D 92 -20.00 19.67 -18.70
CA PHE D 92 -20.32 20.58 -17.59
C PHE D 92 -19.06 20.99 -16.83
N ASN D 93 -19.12 22.05 -16.02
CA ASN D 93 -17.99 22.57 -15.24
C ASN D 93 -17.59 21.70 -14.04
N LEU D 94 -16.26 21.51 -13.83
CA LEU D 94 -15.70 20.80 -12.65
C LEU D 94 -15.00 21.90 -11.86
N LEU D 95 -15.29 22.01 -10.57
CA LEU D 95 -14.74 23.06 -9.72
C LEU D 95 -13.78 22.46 -8.74
N SER D 96 -12.65 23.16 -8.51
CA SER D 96 -11.62 22.73 -7.58
C SER D 96 -11.81 23.32 -6.21
N ASP D 97 -12.12 22.46 -5.22
CA ASP D 97 -12.21 22.84 -3.81
C ASP D 97 -10.89 22.48 -3.12
N TYR D 98 -9.77 22.76 -3.79
CA TYR D 98 -8.40 22.45 -3.36
C TYR D 98 -8.12 22.84 -1.92
N ASN D 99 -8.72 23.95 -1.41
CA ASN D 99 -8.45 24.48 -0.09
C ASN D 99 -9.47 24.06 0.94
N ARG D 100 -10.39 23.16 0.56
CA ARG D 100 -11.40 22.52 1.45
C ARG D 100 -12.48 23.40 2.03
N GLU D 101 -12.67 24.60 1.54
CA GLU D 101 -13.69 25.48 2.12
C GLU D 101 -15.12 24.96 1.83
N VAL D 102 -15.40 24.58 0.57
CA VAL D 102 -16.73 24.15 0.15
C VAL D 102 -17.21 22.87 0.80
N ILE D 103 -16.33 21.86 0.87
CA ILE D 103 -16.66 20.58 1.49
C ILE D 103 -17.01 20.73 2.97
N LYS D 104 -16.35 21.69 3.65
CA LYS D 104 -16.60 22.05 5.04
C LYS D 104 -17.98 22.74 5.19
N LEU D 105 -18.31 23.68 4.26
CA LEU D 105 -19.59 24.42 4.24
C LEU D 105 -20.77 23.48 4.00
N TYR D 106 -20.65 22.55 3.06
CA TYR D 106 -21.72 21.61 2.76
C TYR D 106 -21.66 20.36 3.62
N ASN D 107 -20.66 20.29 4.55
CA ASN D 107 -20.42 19.19 5.49
C ASN D 107 -20.31 17.83 4.76
N VAL D 108 -19.52 17.80 3.68
CA VAL D 108 -19.35 16.62 2.85
C VAL D 108 -17.88 16.24 2.71
N TYR D 109 -17.27 15.79 3.84
CA TYR D 109 -15.87 15.42 3.80
C TYR D 109 -15.55 14.15 4.58
N HIS D 110 -14.54 13.42 4.10
CA HIS D 110 -13.99 12.27 4.79
C HIS D 110 -12.75 12.80 5.48
N GLU D 111 -12.61 12.64 6.81
CA GLU D 111 -11.40 13.06 7.53
C GLU D 111 -10.21 12.29 6.95
N ASP D 112 -10.44 11.01 6.55
CA ASP D 112 -9.40 10.15 5.99
C ASP D 112 -10.00 9.11 5.06
N LEU D 113 -9.56 9.09 3.81
CA LEU D 113 -9.98 8.10 2.84
C LEU D 113 -8.71 7.43 2.30
N LYS D 114 -8.49 6.16 2.61
CA LYS D 114 -7.31 5.42 2.12
C LYS D 114 -5.98 6.11 2.49
N GLY D 115 -5.95 6.79 3.63
CA GLY D 115 -4.80 7.55 4.11
C GLY D 115 -4.72 9.01 3.59
N LEU D 116 -5.68 9.44 2.73
CA LEU D 116 -5.72 10.79 2.16
C LEU D 116 -6.64 11.61 3.02
N LYS D 117 -6.14 12.74 3.53
CA LYS D 117 -6.90 13.58 4.47
C LYS D 117 -7.79 14.59 3.79
N MET D 118 -8.99 14.81 4.39
CA MET D 118 -9.98 15.80 3.97
C MET D 118 -10.30 15.76 2.47
N VAL D 119 -10.96 14.68 2.07
CA VAL D 119 -11.40 14.34 0.72
C VAL D 119 -12.90 14.55 0.72
N ALA D 120 -13.48 15.03 -0.39
CA ALA D 120 -14.94 15.20 -0.47
C ALA D 120 -15.65 13.84 -0.42
N LYS D 121 -16.80 13.79 0.23
CA LYS D 121 -17.64 12.65 0.25
C LYS D 121 -18.37 12.70 -1.09
N ARG D 122 -18.87 11.56 -1.54
CA ARG D 122 -19.68 11.53 -2.73
C ARG D 122 -21.07 12.07 -2.27
N ALA D 123 -21.56 13.14 -2.91
CA ALA D 123 -22.80 13.78 -2.50
C ALA D 123 -23.43 14.45 -3.67
N VAL D 124 -24.77 14.60 -3.63
CA VAL D 124 -25.54 15.34 -4.63
C VAL D 124 -26.47 16.30 -3.94
N PHE D 125 -26.48 17.57 -4.36
CA PHE D 125 -27.45 18.58 -3.89
C PHE D 125 -28.12 19.17 -5.09
N ILE D 126 -29.45 19.44 -4.97
CA ILE D 126 -30.16 20.21 -5.97
C ILE D 126 -30.59 21.50 -5.28
N VAL D 127 -30.19 22.61 -5.87
CA VAL D 127 -30.42 23.97 -5.36
C VAL D 127 -31.29 24.70 -6.36
N LYS D 128 -32.48 25.14 -5.92
CA LYS D 128 -33.44 25.89 -6.74
C LYS D 128 -32.91 27.30 -7.06
N PRO D 129 -33.35 27.97 -8.17
CA PRO D 129 -32.85 29.34 -8.44
C PRO D 129 -32.99 30.34 -7.29
N ASP D 130 -33.94 30.10 -6.36
CA ASP D 130 -34.12 31.00 -5.21
C ASP D 130 -33.08 30.69 -4.11
N GLY D 131 -32.24 29.69 -4.33
CA GLY D 131 -31.17 29.28 -3.42
C GLY D 131 -31.48 28.22 -2.40
N THR D 132 -32.73 27.78 -2.29
CA THR D 132 -33.09 26.75 -1.29
C THR D 132 -32.76 25.36 -1.80
N VAL D 133 -32.29 24.49 -0.89
CA VAL D 133 -31.91 23.10 -1.17
C VAL D 133 -33.21 22.31 -1.35
N ALA D 134 -33.33 21.62 -2.48
CA ALA D 134 -34.52 20.83 -2.81
C ALA D 134 -34.25 19.34 -2.72
N TYR D 135 -32.97 18.94 -2.69
CA TYR D 135 -32.55 17.53 -2.68
C TYR D 135 -31.16 17.43 -2.10
N LYS D 136 -30.91 16.40 -1.29
CA LYS D 136 -29.63 16.15 -0.66
C LYS D 136 -29.37 14.67 -0.49
N TRP D 137 -28.35 14.19 -1.19
CA TRP D 137 -27.92 12.80 -1.08
C TRP D 137 -26.44 12.79 -0.66
N VAL D 138 -26.10 12.21 0.50
CA VAL D 138 -24.73 12.14 1.02
C VAL D 138 -24.41 10.71 1.52
N THR D 139 -23.38 10.07 0.95
CA THR D 139 -22.98 8.71 1.42
C THR D 139 -21.65 8.76 2.18
N ASP D 140 -21.55 7.96 3.26
CA ASP D 140 -20.34 7.83 4.07
C ASP D 140 -19.38 6.78 3.45
N ASN D 141 -19.89 6.00 2.48
CA ASN D 141 -19.16 4.97 1.74
C ASN D 141 -19.04 5.44 0.28
N PRO D 142 -17.84 5.84 -0.19
CA PRO D 142 -17.73 6.38 -1.56
C PRO D 142 -17.94 5.43 -2.72
N LEU D 143 -18.12 4.14 -2.43
CA LEU D 143 -18.40 3.14 -3.46
C LEU D 143 -19.87 3.25 -3.90
N ASN D 144 -20.73 3.81 -3.04
CA ASN D 144 -22.15 4.03 -3.36
C ASN D 144 -22.32 5.17 -4.38
N GLU D 145 -23.20 4.96 -5.35
CA GLU D 145 -23.53 5.90 -6.41
C GLU D 145 -24.87 6.51 -6.14
N PRO D 146 -25.12 7.76 -6.61
CA PRO D 146 -26.45 8.35 -6.42
C PRO D 146 -27.47 7.66 -7.32
N ASP D 147 -28.76 7.92 -7.06
CA ASP D 147 -29.87 7.43 -7.87
C ASP D 147 -29.97 8.46 -9.03
N TYR D 148 -29.24 8.20 -10.14
CA TYR D 148 -29.14 9.12 -11.28
C TYR D 148 -30.49 9.58 -11.84
N ASP D 149 -31.42 8.64 -12.08
CA ASP D 149 -32.75 8.90 -12.60
C ASP D 149 -33.57 9.75 -11.67
N GLU D 150 -33.39 9.57 -10.35
CA GLU D 150 -34.11 10.37 -9.37
C GLU D 150 -33.55 11.81 -9.34
N VAL D 151 -32.24 11.98 -9.50
CA VAL D 151 -31.62 13.31 -9.51
C VAL D 151 -32.17 14.08 -10.69
N VAL D 152 -32.15 13.44 -11.87
CA VAL D 152 -32.66 13.99 -13.13
C VAL D 152 -34.15 14.32 -12.99
N ARG D 153 -34.95 13.38 -12.41
CA ARG D 153 -36.38 13.54 -12.17
C ARG D 153 -36.66 14.75 -11.27
N GLU D 154 -35.91 14.91 -10.15
CA GLU D 154 -36.06 16.03 -9.21
C GLU D 154 -35.72 17.35 -9.86
N ALA D 155 -34.63 17.38 -10.65
CA ALA D 155 -34.20 18.56 -11.37
C ALA D 155 -35.24 18.99 -12.39
N ASN D 156 -35.81 18.04 -13.15
CA ASN D 156 -36.89 18.33 -14.11
C ASN D 156 -38.19 18.73 -13.44
N LYS D 157 -38.46 18.20 -12.22
CA LYS D 157 -39.67 18.52 -11.45
C LYS D 157 -39.60 20.00 -11.04
N ILE D 158 -38.41 20.47 -10.63
CA ILE D 158 -38.19 21.87 -10.25
C ILE D 158 -38.38 22.77 -11.48
N ALA D 159 -37.91 22.32 -12.65
CA ALA D 159 -38.02 23.02 -13.91
C ALA D 159 -39.47 23.22 -14.31
N GLY D 160 -40.30 22.19 -14.07
CA GLY D 160 -41.73 22.18 -14.33
C GLY D 160 -42.47 23.12 -13.39
N GLU D 161 -42.02 23.19 -12.12
CA GLU D 161 -42.57 24.07 -11.08
C GLU D 161 -42.26 25.54 -11.38
N LEU D 162 -41.08 25.82 -11.97
CA LEU D 162 -40.64 27.17 -12.33
C LEU D 162 -41.42 27.77 -13.52
N VAL D 163 -42.21 26.95 -14.24
CA VAL D 163 -42.98 27.33 -15.43
C VAL D 163 -44.48 27.45 -15.13
S SO4 E . -14.98 -32.04 2.63
O1 SO4 E . -14.52 -31.49 3.91
O2 SO4 E . -16.06 -31.22 2.08
O3 SO4 E . -15.46 -33.42 2.84
O4 SO4 E . -13.84 -32.05 1.71
S SO4 F . -6.03 -6.03 -9.37
O1 SO4 F . -6.25 -5.59 -7.99
O2 SO4 F . -6.06 -4.86 -10.26
O3 SO4 F . -7.08 -6.97 -9.74
O4 SO4 F . -4.72 -6.67 -9.48
S SO4 G . -8.24 -26.13 16.49
O1 SO4 G . -8.53 -26.97 17.63
O2 SO4 G . -8.87 -24.81 16.64
O3 SO4 G . -8.72 -26.75 15.26
O4 SO4 G . -6.80 -25.97 16.40
S SO4 H . -10.04 -38.05 -1.40
O1 SO4 H . -9.68 -37.13 -0.30
O2 SO4 H . -11.45 -38.42 -1.30
O3 SO4 H . -9.22 -39.26 -1.31
O4 SO4 H . -9.78 -37.39 -2.68
S SO4 I . -10.02 -12.66 -14.57
O1 SO4 I . -10.26 -13.54 -13.42
O2 SO4 I . -10.00 -11.27 -14.15
O3 SO4 I . -8.70 -12.98 -15.14
O4 SO4 I . -11.06 -12.89 -15.58
S SO4 J . 3.71 -28.57 -11.42
O1 SO4 J . 4.63 -27.44 -11.15
O2 SO4 J . 2.40 -28.26 -10.83
O3 SO4 J . 4.25 -29.78 -10.82
O4 SO4 J . 3.56 -28.77 -12.85
S SO4 K . -14.77 -31.11 8.26
O1 SO4 K . -13.75 -30.99 9.30
O2 SO4 K . -15.46 -29.83 8.11
O3 SO4 K . -15.74 -32.14 8.66
O4 SO4 K . -14.13 -31.50 7.00
S SO4 L . -8.62 -2.87 -4.60
O1 SO4 L . -8.00 -1.66 -5.15
O2 SO4 L . -8.84 -2.69 -3.17
O3 SO4 L . -7.76 -4.03 -4.86
O4 SO4 L . -9.91 -3.11 -5.26
S SO4 M . -9.91 -4.50 8.82
O1 SO4 M . -11.28 -4.93 9.09
O2 SO4 M . -9.73 -3.12 9.32
O3 SO4 M . -9.67 -4.51 7.39
O4 SO4 M . -8.98 -5.40 9.49
S SO4 N . -1.78 -40.80 3.19
O1 SO4 N . -1.17 -41.42 4.37
O2 SO4 N . -2.74 -39.75 3.58
O3 SO4 N . -0.74 -40.22 2.34
O4 SO4 N . -2.48 -41.85 2.46
C1 GOL O . 8.68 -0.43 -3.13
O1 GOL O . 7.35 -0.30 -2.62
C2 GOL O . 9.63 0.48 -2.38
O2 GOL O . 10.95 0.36 -2.91
C3 GOL O . 9.65 0.18 -0.91
O3 GOL O . 9.86 1.36 -0.17
C1 GOL P . -5.04 16.79 -4.56
O1 GOL P . -4.43 17.75 -5.41
C2 GOL P . -5.35 17.38 -3.21
O2 GOL P . -5.80 18.74 -3.32
C3 GOL P . -4.22 17.25 -2.21
O3 GOL P . -4.69 17.38 -0.87
S SO4 Q . 17.57 27.75 -13.14
O1 SO4 Q . 16.92 27.82 -11.84
O2 SO4 Q . 18.17 29.05 -13.48
O3 SO4 Q . 18.63 26.74 -13.12
O4 SO4 Q . 16.57 27.40 -14.15
S SO4 R . 4.96 31.34 -2.52
O1 SO4 R . 5.05 30.54 -1.30
O2 SO4 R . 4.87 32.77 -2.15
O3 SO4 R . 6.17 31.16 -3.33
O4 SO4 R . 3.79 30.99 -3.30
S SO4 S . 14.53 30.77 -8.77
O1 SO4 S . 13.10 30.65 -8.68
O2 SO4 S . 15.14 30.48 -7.47
O3 SO4 S . 15.02 29.82 -9.78
O4 SO4 S . 14.84 32.13 -9.17
S SO4 T . 15.39 29.04 -21.02
O1 SO4 T . 16.55 29.85 -20.64
O2 SO4 T . 14.99 28.15 -19.92
O3 SO4 T . 14.30 29.93 -21.37
O4 SO4 T . 15.71 28.21 -22.19
S SO4 U . 16.63 0.90 -13.47
O1 SO4 U . 16.98 -0.05 -12.41
O2 SO4 U . 15.86 2.00 -12.89
O3 SO4 U . 17.85 1.41 -14.10
O4 SO4 U . 15.82 0.21 -14.46
S SO4 V . -0.39 28.43 -15.31
O1 SO4 V . -1.78 27.96 -15.25
O2 SO4 V . -0.25 29.69 -14.58
O3 SO4 V . -0.02 28.66 -16.71
O4 SO4 V . 0.48 27.42 -14.72
S SO4 W . 8.78 7.66 8.34
O1 SO4 W . 8.96 9.04 8.80
O2 SO4 W . 9.00 6.76 9.46
O3 SO4 W . 9.75 7.38 7.29
O4 SO4 W . 7.43 7.48 7.82
S SO4 X . -4.97 30.55 -16.69
O1 SO4 X . -4.52 29.32 -16.04
O2 SO4 X . -5.27 31.56 -15.67
O3 SO4 X . -3.93 31.06 -17.57
O4 SO4 X . -6.17 30.28 -17.48
C1 GOL Y . 4.02 -15.51 12.03
O1 GOL Y . 2.98 -15.97 12.87
C2 GOL Y . 3.52 -14.82 10.78
O2 GOL Y . 3.59 -15.72 9.66
C3 GOL Y . 2.12 -14.25 10.94
O3 GOL Y . 2.04 -13.34 12.05
S1 DTD Z . 11.74 -3.43 6.16
C1 DTD Z . 12.39 -4.05 4.59
C2 DTD Z . 13.62 -4.96 4.78
O2 DTD Z . 14.21 -5.25 3.53
C3 DTD Z . 13.29 -6.34 5.35
O3 DTD Z . 14.40 -6.82 6.04
C4 DTD Z . 12.06 -6.43 6.27
S4 DTD Z . 12.06 -5.03 7.37
S SO4 AA . 8.36 -0.35 17.08
O1 SO4 AA . 8.08 -1.19 18.23
O2 SO4 AA . 8.23 1.06 17.48
O3 SO4 AA . 9.71 -0.59 16.56
O4 SO4 AA . 7.40 -0.61 16.03
S SO4 BA . 19.95 4.41 11.80
O1 SO4 BA . 20.33 5.83 11.93
O2 SO4 BA . 20.72 3.63 12.78
O3 SO4 BA . 20.25 3.95 10.43
O4 SO4 BA . 18.52 4.25 12.05
S SO4 CA . 1.31 -10.84 20.66
O1 SO4 CA . 0.33 -10.11 21.46
O2 SO4 CA . 2.62 -10.30 20.96
O3 SO4 CA . 1.28 -12.27 20.99
O4 SO4 CA . 1.05 -10.64 19.23
S SO4 DA . 21.28 -2.74 22.84
O1 SO4 DA . 22.02 -1.60 23.46
O2 SO4 DA . 20.38 -3.29 23.83
O3 SO4 DA . 22.19 -3.80 22.37
O4 SO4 DA . 20.49 -2.24 21.71
S SO4 EA . 24.64 -1.15 7.49
O1 SO4 EA . 24.57 0.28 7.18
O2 SO4 EA . 24.23 -1.34 8.88
O3 SO4 EA . 26.01 -1.63 7.31
O4 SO4 EA . 23.75 -1.89 6.61
S SO4 FA . 22.59 -5.91 -2.42
O1 SO4 FA . 22.86 -4.55 -1.92
O2 SO4 FA . 21.33 -6.41 -1.87
O3 SO4 FA . 22.50 -5.86 -3.88
O4 SO4 FA . 23.68 -6.80 -2.05
S1 DTD GA . -12.15 5.99 -3.02
C1 DTD GA . -13.34 6.80 -4.09
C2 DTD GA . -13.25 6.22 -5.50
O2 DTD GA . -14.10 6.98 -6.33
C3 DTD GA . -13.65 4.73 -5.60
O3 DTD GA . -13.45 4.34 -6.95
C4 DTD GA . -12.80 3.79 -4.71
S4 DTD GA . -12.94 4.14 -2.96
S SO4 HA . -14.25 9.61 7.79
O1 SO4 HA . -14.28 8.91 9.08
O2 SO4 HA . -14.44 11.05 8.04
O3 SO4 HA . -12.99 9.33 7.13
O4 SO4 HA . -15.36 9.11 6.97
S SO4 IA . -25.28 1.84 -6.20
O1 SO4 IA . -26.44 2.67 -5.89
O2 SO4 IA . -24.11 2.26 -5.42
O3 SO4 IA . -25.61 0.44 -5.89
O4 SO4 IA . -24.95 1.97 -7.63
S SO4 JA . -26.40 17.28 7.38
O1 SO4 JA . -25.29 18.20 7.65
O2 SO4 JA . -27.62 17.80 8.01
O3 SO4 JA . -26.06 15.96 7.96
O4 SO4 JA . -26.61 17.17 5.93
S SO4 KA . -17.45 5.62 -22.40
O1 SO4 KA . -16.22 6.38 -22.22
O2 SO4 KA . -18.36 5.91 -21.28
O3 SO4 KA . -18.06 5.99 -23.67
O4 SO4 KA . -17.13 4.19 -22.41
S SO4 LA . -25.06 35.49 -18.18
O1 SO4 LA . -24.35 34.79 -17.10
O2 SO4 LA . -26.34 35.99 -17.66
O3 SO4 LA . -24.26 36.62 -18.65
O4 SO4 LA . -25.30 34.57 -19.28
S SO4 MA . -8.22 21.44 6.29
O1 SO4 MA . -8.01 21.34 7.73
O2 SO4 MA . -8.10 22.84 5.87
O3 SO4 MA . -9.56 20.94 5.97
O4 SO4 MA . -7.22 20.62 5.58
S SO4 NA . -19.22 -1.29 -13.42
O1 SO4 NA . -20.18 -0.66 -14.32
O2 SO4 NA . -19.49 -0.91 -12.03
O3 SO4 NA . -17.86 -0.87 -13.77
O4 SO4 NA . -19.33 -2.75 -13.54
#